data_4URT
#
_entry.id   4URT
#
_cell.length_a   84.650
_cell.length_b   87.410
_cell.length_c   155.317
_cell.angle_alpha   90.00
_cell.angle_beta   90.00
_cell.angle_gamma   90.00
#
_symmetry.space_group_name_H-M   'P 21 21 21'
#
loop_
_entity.id
_entity.type
_entity.pdbx_description
1 polymer NETRIN-1
2 polymer 'NETRIN RECEPTOR DCC'
3 branched 2-acetamido-2-deoxy-beta-D-glucopyranose-(1-4)-2-acetamido-2-deoxy-beta-D-glucopyranose
4 non-polymer 'CALCIUM ION'
5 non-polymer 'CHLORIDE ION'
6 non-polymer 'SULFATE ION'
7 non-polymer GLYCEROL
#
loop_
_entity_poly.entity_id
_entity_poly.type
_entity_poly.pdbx_seq_one_letter_code
_entity_poly.pdbx_strand_id
1 'polypeptide(L)'
;DPCSDENGHPRRCIPDFVNAAFGKDVRVSSTCGRPPARYCVVSERGEERLRSCHLCNASDPKKAHPPAFLTDLNNPHNLT
CWQSENYLQFPHNVTLTLSLGKKFEVTYVSLQFCSPRPESMAIYKSMDYGRTWVPFQFYSTQCRKMYNRPHRAPITKQNE
QEAVCTDSHTDMRPLSGGLIAFSTLDGRPSAHDFDNSPVLQDWVTATDIRVAFSRLHTFGDENEDDSELARDSYFYAVSD
LQVGGRCKCNGHAARCVRDRDDSLVCDCRHNTAGPECDRCKPFHYDRPWQRATAREANECVACNCNLHARRCRFNMELYK
LSGRKSGGVCLNCRHNTAGRHCHYCKEGYYRDMGKPITHRKACKACDCHPVGAAGKTCNQTTGQCPCKDGVTGITCNRCA
KGYQQSRSPIAPCIKELHHH
;
A
2 'polypeptide(L)'
;MLPPVGVQAVALTHDAVRVSWADNSVPKNQKTSEVRLYTVRWRTSFSASAKYKSEDTTSLSYTATGLKPNTMYEFSVMVT
KNRRSSTWSMTAHATTYEAAPTSAPKDLTVITREGKPRAVIVSWQPPLEANGKITAYILFYTLDKNIPIDDWIMETISGD
RLTHQIMDLNLDTMYYFRIQARNSKGVGPLSDPILFRTLKLEVLFA
;
B
#
loop_
_chem_comp.id
_chem_comp.type
_chem_comp.name
_chem_comp.formula
CA non-polymer 'CALCIUM ION' 'Ca 2'
CL non-polymer 'CHLORIDE ION' 'Cl -1'
GOL non-polymer GLYCEROL 'C3 H8 O3'
NAG D-saccharide, beta linking 2-acetamido-2-deoxy-beta-D-glucopyranose 'C8 H15 N O6'
SO4 non-polymer 'SULFATE ION' 'O4 S -2'
#
# COMPACT_ATOMS: atom_id res chain seq x y z
N ASP A 1 -19.33 -11.80 -0.09
CA ASP A 1 -18.72 -10.48 -0.16
C ASP A 1 -19.22 -9.70 -1.37
N PRO A 2 -19.46 -8.40 -1.22
CA PRO A 2 -19.96 -7.55 -2.31
C PRO A 2 -18.86 -7.14 -3.29
N CYS A 3 -17.67 -7.71 -3.16
CA CYS A 3 -16.56 -7.39 -4.06
C CYS A 3 -16.51 -8.39 -5.21
N SER A 4 -17.45 -9.33 -5.21
CA SER A 4 -17.57 -10.31 -6.28
C SER A 4 -18.98 -10.87 -6.31
N ASP A 5 -19.48 -11.19 -7.49
CA ASP A 5 -20.82 -11.76 -7.61
C ASP A 5 -20.80 -13.24 -7.23
N GLU A 6 -21.82 -13.98 -7.66
CA GLU A 6 -22.01 -15.35 -7.22
C GLU A 6 -21.16 -16.35 -8.00
N ASN A 7 -20.60 -15.92 -9.13
CA ASN A 7 -19.80 -16.80 -9.97
C ASN A 7 -18.43 -17.24 -9.40
N GLY A 8 -17.59 -16.33 -8.88
CA GLY A 8 -17.86 -14.91 -8.75
C GLY A 8 -16.73 -14.03 -9.27
N HIS A 9 -16.97 -13.38 -10.40
CA HIS A 9 -16.03 -12.42 -10.95
C HIS A 9 -15.99 -11.17 -10.07
N PRO A 10 -14.82 -10.52 -9.99
CA PRO A 10 -14.69 -9.30 -9.17
C PRO A 10 -15.64 -8.19 -9.60
N ARG A 11 -16.22 -7.51 -8.63
CA ARG A 11 -17.06 -6.35 -8.90
C ARG A 11 -16.70 -5.22 -7.94
N ARG A 12 -16.88 -3.98 -8.40
CA ARG A 12 -16.55 -2.80 -7.61
C ARG A 12 -17.27 -2.81 -6.26
N CYS A 13 -16.52 -2.53 -5.19
CA CYS A 13 -17.08 -2.55 -3.84
C CYS A 13 -16.58 -1.38 -3.00
N ILE A 14 -17.51 -0.67 -2.37
CA ILE A 14 -17.17 0.48 -1.53
C ILE A 14 -17.68 0.28 -0.11
N PRO A 15 -16.97 0.85 0.88
CA PRO A 15 -17.44 0.76 2.27
C PRO A 15 -18.72 1.56 2.52
N ASP A 16 -19.33 1.35 3.69
CA ASP A 16 -20.61 1.96 3.99
C ASP A 16 -20.52 3.47 4.21
N PHE A 17 -21.62 4.16 3.92
CA PHE A 17 -21.71 5.59 4.14
C PHE A 17 -21.86 5.88 5.64
N VAL A 18 -21.02 6.77 6.15
CA VAL A 18 -20.96 7.01 7.59
C VAL A 18 -20.86 8.48 7.97
N ASN A 19 -21.14 8.76 9.24
CA ASN A 19 -20.89 10.07 9.83
C ASN A 19 -19.47 10.10 10.37
N ALA A 20 -18.52 10.48 9.52
CA ALA A 20 -17.09 10.41 9.86
C ALA A 20 -16.71 11.28 11.05
N ALA A 21 -17.59 12.20 11.43
CA ALA A 21 -17.34 13.09 12.55
C ALA A 21 -17.73 12.46 13.88
N PHE A 22 -18.75 11.60 13.84
CA PHE A 22 -19.38 11.05 15.05
C PHE A 22 -18.41 10.40 16.02
N GLY A 23 -18.44 10.88 17.26
CA GLY A 23 -17.69 10.27 18.35
C GLY A 23 -16.22 10.65 18.42
N LYS A 24 -15.76 11.44 17.46
CA LYS A 24 -14.35 11.80 17.40
C LYS A 24 -14.05 13.12 18.10
N ASP A 25 -12.86 13.21 18.70
CA ASP A 25 -12.42 14.41 19.38
C ASP A 25 -12.13 15.53 18.39
N VAL A 26 -12.69 16.71 18.65
CA VAL A 26 -12.53 17.85 17.76
C VAL A 26 -11.76 18.97 18.44
N ARG A 27 -10.54 19.22 17.98
CA ARG A 27 -9.74 20.30 18.52
C ARG A 27 -10.35 21.65 18.14
N VAL A 28 -10.49 22.53 19.13
CA VAL A 28 -11.08 23.84 18.92
C VAL A 28 -10.09 24.94 19.27
N SER A 29 -10.58 26.17 19.32
CA SER A 29 -9.74 27.31 19.72
C SER A 29 -10.49 28.22 20.70
N SER A 30 -11.71 27.84 21.03
CA SER A 30 -12.53 28.62 21.96
C SER A 30 -13.62 27.77 22.61
N THR A 31 -13.68 27.81 23.93
CA THR A 31 -14.68 27.05 24.68
C THR A 31 -15.05 27.76 25.97
N CYS A 32 -16.35 27.90 26.24
CA CYS A 32 -16.82 28.53 27.46
C CYS A 32 -16.53 27.66 28.66
N GLY A 33 -16.07 28.27 29.75
CA GLY A 33 -15.78 27.53 30.97
C GLY A 33 -14.61 28.07 31.76
N ARG A 34 -13.54 28.44 31.06
CA ARG A 34 -12.32 28.92 31.72
C ARG A 34 -11.92 30.30 31.20
N PRO A 35 -12.22 31.36 31.97
CA PRO A 35 -12.97 31.34 33.22
C PRO A 35 -14.48 31.42 32.99
N PRO A 36 -15.28 30.99 33.97
CA PRO A 36 -16.75 31.01 33.90
C PRO A 36 -17.32 32.39 33.60
N ALA A 37 -17.87 32.58 32.41
CA ALA A 37 -18.42 33.89 32.03
C ALA A 37 -19.92 33.80 31.77
N ARG A 38 -20.53 34.97 31.56
CA ARG A 38 -21.97 35.05 31.32
C ARG A 38 -22.28 35.08 29.82
N TYR A 39 -23.24 34.25 29.40
CA TYR A 39 -23.69 34.26 28.01
C TYR A 39 -25.19 34.50 27.95
N CYS A 40 -25.62 35.35 27.02
CA CYS A 40 -27.03 35.71 26.90
C CYS A 40 -27.69 35.03 25.70
N VAL A 41 -28.98 34.73 25.84
CA VAL A 41 -29.74 34.07 24.79
C VAL A 41 -30.83 34.99 24.26
N VAL A 42 -30.57 35.61 23.11
CA VAL A 42 -31.54 36.52 22.49
C VAL A 42 -32.57 35.75 21.69
N SER A 43 -33.85 36.01 21.97
CA SER A 43 -34.95 35.36 21.25
C SER A 43 -36.08 36.36 21.00
N GLU A 44 -37.12 35.89 20.32
CA GLU A 44 -38.28 36.72 20.05
C GLU A 44 -39.54 35.89 19.81
N ARG A 45 -40.28 35.64 20.89
CA ARG A 45 -41.58 34.98 20.79
C ARG A 45 -42.70 36.01 20.88
N GLY A 46 -42.96 36.69 19.76
CA GLY A 46 -43.93 37.75 19.71
C GLY A 46 -43.46 38.87 18.79
N GLU A 47 -42.60 39.73 19.32
CA GLU A 47 -42.04 40.83 18.53
C GLU A 47 -40.82 41.42 19.23
N GLU A 48 -40.04 42.20 18.49
CA GLU A 48 -38.85 42.89 19.00
C GLU A 48 -37.81 41.91 19.53
N ARG A 49 -37.21 42.24 20.67
CA ARG A 49 -36.09 41.46 21.21
C ARG A 49 -36.28 41.08 22.67
N LEU A 50 -35.82 39.88 23.02
CA LEU A 50 -35.81 39.42 24.40
C LEU A 50 -34.39 39.05 24.81
N ARG A 51 -34.20 38.68 26.06
CA ARG A 51 -32.87 38.31 26.56
C ARG A 51 -32.93 37.46 27.82
N SER A 52 -32.26 36.32 27.78
CA SER A 52 -32.20 35.41 28.92
C SER A 52 -30.79 34.85 29.10
N CYS A 53 -30.08 35.35 30.10
CA CYS A 53 -28.68 34.98 30.30
C CYS A 53 -28.51 33.81 31.28
N HIS A 54 -27.30 33.26 31.30
CA HIS A 54 -26.94 32.20 32.25
C HIS A 54 -25.42 32.11 32.38
N LEU A 55 -24.95 31.24 33.27
CA LEU A 55 -23.52 31.10 33.54
C LEU A 55 -22.93 29.88 32.84
N CYS A 56 -21.66 29.97 32.43
CA CYS A 56 -20.99 28.87 31.75
C CYS A 56 -19.58 28.59 32.31
N ASN A 57 -19.49 27.65 33.27
CA ASN A 57 -18.21 27.17 33.83
C ASN A 57 -17.93 25.81 33.15
N ALA A 58 -16.70 25.29 33.24
CA ALA A 58 -16.40 23.99 32.64
C ALA A 58 -16.30 22.90 33.70
N SER A 59 -16.10 23.34 34.94
CA SER A 59 -15.93 22.44 36.07
C SER A 59 -17.25 21.81 36.50
N ASP A 60 -18.37 22.33 35.98
CA ASP A 60 -19.68 21.77 36.29
C ASP A 60 -20.31 21.15 35.05
N PRO A 61 -20.77 19.89 35.18
CA PRO A 61 -21.31 19.10 34.08
C PRO A 61 -22.56 19.70 33.43
N LYS A 62 -23.34 20.46 34.20
CA LYS A 62 -24.63 20.96 33.71
C LYS A 62 -24.50 22.13 32.75
N LYS A 63 -23.82 23.19 33.18
CA LYS A 63 -23.71 24.40 32.38
C LYS A 63 -22.38 24.47 31.63
N ALA A 64 -21.94 23.34 31.08
CA ALA A 64 -20.70 23.29 30.31
C ALA A 64 -20.98 22.95 28.85
N HIS A 65 -20.13 23.45 27.96
CA HIS A 65 -20.28 23.18 26.53
C HIS A 65 -18.94 22.82 25.91
N PRO A 66 -18.48 21.58 26.12
CA PRO A 66 -17.19 21.08 25.64
C PRO A 66 -17.20 20.75 24.15
N PRO A 67 -16.01 20.56 23.54
CA PRO A 67 -15.92 20.17 22.13
C PRO A 67 -16.48 18.78 21.82
N ALA A 68 -16.90 18.05 22.85
CA ALA A 68 -17.46 16.72 22.65
C ALA A 68 -18.94 16.79 22.26
N PHE A 69 -19.52 17.98 22.38
CA PHE A 69 -20.94 18.15 22.13
C PHE A 69 -21.22 18.40 20.65
N LEU A 70 -20.17 18.46 19.84
CA LEU A 70 -20.33 18.60 18.39
C LEU A 70 -20.54 17.24 17.76
N THR A 71 -19.85 16.23 18.29
CA THR A 71 -19.87 14.90 17.69
C THR A 71 -20.36 13.83 18.68
N ASP A 72 -21.51 14.08 19.28
CA ASP A 72 -22.12 13.10 20.17
C ASP A 72 -23.54 12.80 19.70
N LEU A 73 -24.18 11.83 20.35
CA LEU A 73 -25.55 11.45 20.00
C LEU A 73 -26.47 12.66 20.12
N ASN A 74 -26.93 13.17 18.98
CA ASN A 74 -27.72 14.40 18.97
C ASN A 74 -29.21 14.14 18.86
N ASN A 75 -29.89 14.07 20.00
CA ASN A 75 -31.34 13.97 20.02
C ASN A 75 -31.95 15.37 19.98
N PRO A 76 -32.79 15.63 18.96
CA PRO A 76 -33.38 16.95 18.73
C PRO A 76 -34.21 17.46 19.90
N HIS A 77 -34.66 16.56 20.78
CA HIS A 77 -35.47 16.95 21.93
C HIS A 77 -34.64 17.63 23.02
N ASN A 78 -33.38 17.22 23.11
CA ASN A 78 -32.44 17.75 24.09
C ASN A 78 -31.09 17.97 23.43
N LEU A 79 -30.87 19.15 22.91
CA LEU A 79 -29.69 19.42 22.10
C LEU A 79 -28.42 19.55 22.92
N THR A 80 -27.53 18.58 22.79
CA THR A 80 -26.22 18.67 23.42
C THR A 80 -25.36 19.64 22.61
N CYS A 81 -25.29 20.88 23.07
CA CYS A 81 -24.72 21.96 22.27
C CYS A 81 -23.34 22.41 22.75
N TRP A 82 -22.54 22.93 21.82
CA TRP A 82 -21.25 23.52 22.13
C TRP A 82 -21.29 25.01 21.81
N GLN A 83 -20.53 25.80 22.57
CA GLN A 83 -20.44 27.22 22.27
C GLN A 83 -19.08 27.79 22.67
N SER A 84 -18.78 28.99 22.19
CA SER A 84 -17.49 29.63 22.44
C SER A 84 -17.64 30.80 23.40
N GLU A 85 -16.52 31.39 23.78
CA GLU A 85 -16.54 32.62 24.59
C GLU A 85 -15.44 33.58 24.16
N ASN A 86 -15.83 34.80 23.77
CA ASN A 86 -17.24 35.16 23.63
C ASN A 86 -17.46 36.04 22.41
N TYR A 87 -16.84 37.23 22.45
CA TYR A 87 -17.00 38.20 21.38
C TYR A 87 -15.81 38.16 20.42
N LEU A 88 -15.53 36.98 19.87
CA LEU A 88 -14.48 36.83 18.87
C LEU A 88 -14.99 37.28 17.52
N GLN A 89 -14.85 38.58 17.23
CA GLN A 89 -15.46 39.17 16.05
C GLN A 89 -14.56 39.16 14.82
N PHE A 90 -13.64 40.12 14.74
CA PHE A 90 -12.83 40.32 13.54
C PHE A 90 -11.56 41.10 13.86
N PRO A 91 -10.41 40.65 13.32
CA PRO A 91 -10.28 39.46 12.49
C PRO A 91 -10.16 38.18 13.31
N HIS A 92 -10.57 38.24 14.57
CA HIS A 92 -10.61 37.05 15.41
C HIS A 92 -11.59 36.04 14.85
N ASN A 93 -11.10 34.83 14.63
CA ASN A 93 -11.90 33.76 14.09
C ASN A 93 -11.78 32.57 15.02
N VAL A 94 -12.82 31.75 15.14
CA VAL A 94 -12.66 30.55 15.95
C VAL A 94 -12.76 29.36 15.01
N THR A 95 -11.82 28.44 15.13
CA THR A 95 -11.79 27.31 14.20
C THR A 95 -12.16 25.99 14.84
N LEU A 96 -12.74 25.11 14.02
CA LEU A 96 -13.04 23.74 14.42
C LEU A 96 -12.31 22.79 13.49
N THR A 97 -11.55 21.85 14.06
CA THR A 97 -10.75 20.94 13.26
C THR A 97 -10.84 19.50 13.78
N LEU A 98 -11.04 18.55 12.86
CA LEU A 98 -11.05 17.15 13.23
C LEU A 98 -10.20 16.33 12.24
N SER A 99 -9.52 15.31 12.76
CA SER A 99 -8.64 14.49 11.95
C SER A 99 -9.21 13.09 11.73
N LEU A 100 -9.60 12.80 10.49
CA LEU A 100 -10.29 11.55 10.17
C LEU A 100 -9.37 10.33 10.25
N GLY A 101 -8.08 10.54 10.01
CA GLY A 101 -7.12 9.46 10.07
C GLY A 101 -6.80 8.87 8.71
N LYS A 102 -7.80 8.79 7.84
CA LYS A 102 -7.60 8.28 6.49
C LYS A 102 -8.34 9.16 5.48
N LYS A 103 -7.92 9.05 4.22
CA LYS A 103 -8.59 9.76 3.14
C LYS A 103 -10.03 9.29 2.98
N PHE A 104 -10.96 10.23 3.12
CA PHE A 104 -12.38 9.93 2.93
C PHE A 104 -12.89 10.60 1.66
N GLU A 105 -13.92 10.02 1.07
CA GLU A 105 -14.63 10.69 -0.02
C GLU A 105 -15.82 11.43 0.58
N VAL A 106 -15.62 12.72 0.85
CA VAL A 106 -16.62 13.52 1.54
C VAL A 106 -17.79 13.90 0.64
N THR A 107 -18.99 13.45 1.02
CA THR A 107 -20.20 13.80 0.30
C THR A 107 -20.69 15.16 0.75
N TYR A 108 -21.03 15.27 2.04
CA TYR A 108 -21.47 16.53 2.62
C TYR A 108 -20.75 16.81 3.93
N VAL A 109 -20.98 18.01 4.47
CA VAL A 109 -20.53 18.35 5.80
C VAL A 109 -21.49 19.42 6.35
N SER A 110 -22.19 19.06 7.42
CA SER A 110 -23.29 19.90 7.91
C SER A 110 -23.08 20.38 9.34
N LEU A 111 -23.59 21.57 9.63
CA LEU A 111 -23.52 22.12 10.98
C LEU A 111 -24.86 22.73 11.40
N GLN A 112 -25.49 22.12 12.40
CA GLN A 112 -26.67 22.70 13.02
C GLN A 112 -26.23 23.62 14.15
N PHE A 113 -26.92 24.74 14.32
CA PHE A 113 -26.49 25.76 15.26
C PHE A 113 -27.44 25.97 16.43
N CYS A 114 -26.89 26.39 17.57
CA CYS A 114 -27.69 26.82 18.70
C CYS A 114 -27.84 28.33 18.66
N SER A 115 -26.71 29.00 18.42
CA SER A 115 -26.69 30.45 18.24
C SER A 115 -26.98 30.79 16.78
N PRO A 116 -27.31 32.07 16.50
CA PRO A 116 -27.52 32.43 15.09
C PRO A 116 -26.29 32.18 14.24
N ARG A 117 -26.51 31.73 13.01
CA ARG A 117 -25.42 31.40 12.10
C ARG A 117 -24.57 32.63 11.79
N PRO A 118 -23.25 32.44 11.64
CA PRO A 118 -22.31 33.54 11.41
C PRO A 118 -22.52 34.23 10.06
N GLU A 119 -22.07 35.48 9.96
CA GLU A 119 -22.15 36.22 8.71
C GLU A 119 -21.12 35.67 7.73
N SER A 120 -20.02 35.15 8.25
CA SER A 120 -18.98 34.57 7.43
C SER A 120 -18.34 33.36 8.09
N MET A 121 -18.32 32.25 7.36
CA MET A 121 -17.59 31.07 7.80
C MET A 121 -16.87 30.44 6.61
N ALA A 122 -15.86 29.64 6.90
CA ALA A 122 -15.09 28.98 5.84
C ALA A 122 -14.85 27.52 6.18
N ILE A 123 -14.90 26.67 5.17
CA ILE A 123 -14.64 25.25 5.35
C ILE A 123 -13.36 24.86 4.63
N TYR A 124 -12.40 24.33 5.38
CA TYR A 124 -11.12 23.94 4.81
C TYR A 124 -10.89 22.44 4.91
N LYS A 125 -10.34 21.85 3.86
CA LYS A 125 -10.02 20.43 3.85
C LYS A 125 -8.52 20.21 3.73
N SER A 126 -8.09 18.99 4.03
CA SER A 126 -6.70 18.60 3.86
C SER A 126 -6.64 17.23 3.19
N MET A 127 -5.59 17.01 2.39
CA MET A 127 -5.42 15.75 1.69
C MET A 127 -4.09 15.11 2.04
N ASP A 128 -3.43 15.68 3.04
CA ASP A 128 -2.15 15.15 3.51
C ASP A 128 -2.05 15.16 5.04
N TYR A 129 -3.14 14.76 5.68
CA TYR A 129 -3.16 14.51 7.12
C TYR A 129 -2.80 15.73 7.97
N GLY A 130 -3.10 16.93 7.44
CA GLY A 130 -3.02 18.14 8.23
C GLY A 130 -1.89 19.10 7.96
N ARG A 131 -0.85 18.66 7.27
CA ARG A 131 0.32 19.51 7.05
C ARG A 131 -0.01 20.68 6.13
N THR A 132 -0.91 20.48 5.17
CA THR A 132 -1.38 21.56 4.31
C THR A 132 -2.90 21.65 4.31
N TRP A 133 -3.43 22.81 3.93
CA TRP A 133 -4.88 23.04 3.94
C TRP A 133 -5.34 23.78 2.70
N VAL A 134 -6.46 23.33 2.13
CA VAL A 134 -7.05 24.00 0.96
C VAL A 134 -8.54 24.30 1.20
N PRO A 135 -9.01 25.42 0.64
CA PRO A 135 -10.41 25.86 0.82
C PRO A 135 -11.41 24.91 0.17
N PHE A 136 -12.50 24.62 0.90
CA PHE A 136 -13.53 23.71 0.43
C PHE A 136 -14.80 24.47 0.08
N GLN A 137 -15.21 25.37 0.97
CA GLN A 137 -16.44 26.14 0.80
C GLN A 137 -16.42 27.41 1.63
N PHE A 138 -16.87 28.51 1.04
CA PHE A 138 -16.98 29.77 1.75
C PHE A 138 -18.44 30.22 1.87
N TYR A 139 -18.77 30.79 3.02
CA TYR A 139 -20.06 31.41 3.23
C TYR A 139 -19.88 32.83 3.72
N SER A 140 -20.43 33.80 2.98
CA SER A 140 -20.32 35.20 3.34
C SER A 140 -21.23 36.08 2.48
N THR A 141 -21.75 37.15 3.05
CA THR A 141 -22.56 38.10 2.30
C THR A 141 -21.68 38.90 1.36
N GLN A 142 -20.43 39.11 1.78
CA GLN A 142 -19.44 39.81 0.95
C GLN A 142 -18.22 38.92 0.71
N CYS A 143 -18.33 38.03 -0.28
CA CYS A 143 -17.28 37.07 -0.57
C CYS A 143 -16.02 37.73 -1.11
N ARG A 144 -16.20 38.72 -1.98
CA ARG A 144 -15.08 39.40 -2.62
C ARG A 144 -14.19 40.13 -1.63
N LYS A 145 -14.80 40.69 -0.59
CA LYS A 145 -14.07 41.48 0.40
C LYS A 145 -13.52 40.60 1.53
N MET A 146 -14.26 39.54 1.87
CA MET A 146 -13.90 38.69 3.00
C MET A 146 -12.86 37.63 2.63
N TYR A 147 -13.17 36.81 1.63
CA TYR A 147 -12.32 35.68 1.28
C TYR A 147 -11.64 35.84 -0.07
N ASN A 148 -11.79 37.01 -0.68
CA ASN A 148 -11.26 37.28 -2.02
C ASN A 148 -11.76 36.24 -3.01
N ARG A 149 -13.05 35.92 -2.92
CA ARG A 149 -13.69 34.97 -3.83
C ARG A 149 -14.89 35.64 -4.49
N PRO A 150 -15.03 35.47 -5.81
CA PRO A 150 -16.17 36.04 -6.53
C PRO A 150 -17.51 35.53 -5.99
N HIS A 151 -18.46 36.44 -5.79
CA HIS A 151 -19.76 36.09 -5.24
C HIS A 151 -20.53 35.11 -6.12
N ARG A 152 -20.68 33.89 -5.62
CA ARG A 152 -21.40 32.82 -6.32
C ARG A 152 -20.93 32.69 -7.77
N ALA A 153 -19.62 32.55 -7.94
CA ALA A 153 -19.06 32.34 -9.26
C ALA A 153 -19.53 31.03 -9.84
N PRO A 154 -19.76 31.01 -11.16
CA PRO A 154 -20.15 29.79 -11.89
C PRO A 154 -19.13 28.67 -11.76
N ILE A 155 -19.58 27.45 -11.98
CA ILE A 155 -18.71 26.29 -11.95
C ILE A 155 -18.76 25.56 -13.29
N THR A 156 -17.66 25.61 -14.04
CA THR A 156 -17.56 24.87 -15.29
C THR A 156 -16.48 23.80 -15.17
N LYS A 157 -16.07 23.24 -16.30
CA LYS A 157 -15.10 22.15 -16.33
C LYS A 157 -13.75 22.54 -15.74
N GLN A 158 -13.39 23.81 -15.86
CA GLN A 158 -12.07 24.28 -15.45
C GLN A 158 -11.98 24.59 -13.96
N ASN A 159 -12.91 25.40 -13.46
CA ASN A 159 -12.92 25.80 -12.06
C ASN A 159 -13.68 24.82 -11.18
N GLU A 160 -13.85 23.60 -11.68
CA GLU A 160 -14.65 22.58 -11.02
C GLU A 160 -14.05 22.15 -9.68
N GLN A 161 -12.73 22.19 -9.59
CA GLN A 161 -12.04 21.75 -8.39
C GLN A 161 -11.73 22.94 -7.49
N GLU A 162 -12.39 24.06 -7.75
CA GLU A 162 -12.16 25.28 -6.99
C GLU A 162 -13.33 25.58 -6.05
N ALA A 163 -13.01 25.85 -4.79
CA ALA A 163 -14.03 26.18 -3.79
C ALA A 163 -14.79 27.44 -4.18
N VAL A 164 -16.09 27.47 -3.87
CA VAL A 164 -16.93 28.60 -4.22
C VAL A 164 -17.51 29.28 -2.99
N CYS A 165 -17.91 30.54 -3.14
CA CYS A 165 -18.50 31.29 -2.05
C CYS A 165 -19.93 31.69 -2.37
N THR A 166 -20.84 31.35 -1.48
CA THR A 166 -22.24 31.74 -1.64
C THR A 166 -22.72 32.56 -0.44
N ASP A 167 -23.73 33.38 -0.65
CA ASP A 167 -24.25 34.23 0.41
C ASP A 167 -25.45 33.58 1.09
N SER A 168 -25.85 32.42 0.60
CA SER A 168 -26.97 31.69 1.18
C SER A 168 -26.58 31.09 2.53
N HIS A 169 -27.59 30.75 3.33
CA HIS A 169 -27.40 30.17 4.65
C HIS A 169 -26.66 31.11 5.62
N THR A 170 -26.48 32.36 5.23
CA THR A 170 -25.69 33.29 6.04
C THR A 170 -26.56 34.14 6.97
N ASP A 171 -27.77 34.47 6.53
CA ASP A 171 -28.67 35.32 7.31
C ASP A 171 -28.96 34.73 8.69
N MET A 172 -29.22 35.61 9.65
CA MET A 172 -29.40 35.20 11.04
C MET A 172 -30.88 35.04 11.40
N ARG A 173 -31.75 35.11 10.41
CA ARG A 173 -33.19 35.03 10.63
C ARG A 173 -33.58 33.76 11.40
N PRO A 174 -33.00 32.59 11.03
CA PRO A 174 -33.19 31.48 11.97
C PRO A 174 -32.15 31.54 13.09
N LEU A 175 -32.43 32.33 14.11
CA LEU A 175 -31.48 32.55 15.20
C LEU A 175 -31.16 31.26 15.97
N SER A 176 -32.06 30.29 15.90
CA SER A 176 -31.85 29.00 16.54
C SER A 176 -32.13 27.87 15.56
N GLY A 177 -31.38 26.78 15.69
CA GLY A 177 -31.55 25.63 14.83
C GLY A 177 -31.16 25.89 13.39
N GLY A 178 -30.28 26.87 13.20
CA GLY A 178 -29.78 27.20 11.87
C GLY A 178 -29.01 26.05 11.26
N LEU A 179 -29.11 25.90 9.94
CA LEU A 179 -28.46 24.80 9.25
C LEU A 179 -27.46 25.30 8.21
N ILE A 180 -26.27 24.72 8.21
CA ILE A 180 -25.27 24.98 7.19
C ILE A 180 -24.87 23.69 6.51
N ALA A 181 -25.43 23.44 5.33
CA ALA A 181 -25.14 22.21 4.60
C ALA A 181 -24.29 22.49 3.37
N PHE A 182 -23.20 21.75 3.24
CA PHE A 182 -22.33 21.88 2.07
C PHE A 182 -22.28 20.58 1.29
N SER A 183 -22.77 20.61 0.05
CA SER A 183 -22.67 19.47 -0.83
C SER A 183 -21.44 19.63 -1.73
N THR A 184 -20.57 18.63 -1.73
CA THR A 184 -19.30 18.71 -2.44
C THR A 184 -19.47 18.56 -3.96
N LEU A 185 -20.54 17.91 -4.38
CA LEU A 185 -20.80 17.69 -5.81
C LEU A 185 -21.92 18.58 -6.31
N ASP A 186 -22.38 19.50 -5.47
CA ASP A 186 -23.49 20.39 -5.83
C ASP A 186 -23.12 21.32 -6.97
N GLY A 187 -23.80 21.14 -8.11
CA GLY A 187 -23.65 22.02 -9.25
C GLY A 187 -22.32 21.94 -9.97
N ARG A 188 -21.75 20.75 -10.05
CA ARG A 188 -20.47 20.56 -10.73
C ARG A 188 -20.62 19.62 -11.92
N PRO A 189 -20.39 20.15 -13.13
CA PRO A 189 -20.59 19.53 -14.45
C PRO A 189 -20.35 18.01 -14.50
N SER A 190 -19.25 17.55 -13.93
CA SER A 190 -18.86 16.14 -14.05
C SER A 190 -19.46 15.26 -12.95
N ALA A 191 -20.44 15.79 -12.21
CA ALA A 191 -21.03 15.05 -11.11
C ALA A 191 -21.74 13.78 -11.59
N HIS A 192 -22.46 13.91 -12.70
CA HIS A 192 -23.19 12.77 -13.25
C HIS A 192 -22.27 11.76 -13.91
N ASP A 193 -21.00 12.14 -14.04
CA ASP A 193 -19.98 11.23 -14.56
C ASP A 193 -18.82 11.14 -13.57
N PHE A 194 -19.14 10.80 -12.32
CA PHE A 194 -18.17 10.81 -11.24
C PHE A 194 -17.17 9.67 -11.33
N ASP A 195 -17.64 8.50 -11.76
CA ASP A 195 -16.78 7.32 -11.87
C ASP A 195 -15.68 7.50 -12.90
N ASN A 196 -15.84 8.50 -13.77
CA ASN A 196 -14.87 8.76 -14.83
C ASN A 196 -14.28 10.16 -14.73
N SER A 197 -14.40 10.79 -13.57
CA SER A 197 -13.89 12.14 -13.35
C SER A 197 -12.87 12.19 -12.22
N PRO A 198 -11.58 12.14 -12.57
CA PRO A 198 -10.49 12.23 -11.58
C PRO A 198 -10.48 13.56 -10.83
N VAL A 199 -10.94 14.62 -11.47
CA VAL A 199 -10.95 15.95 -10.87
C VAL A 199 -11.92 16.04 -9.70
N LEU A 200 -13.06 15.36 -9.84
CA LEU A 200 -14.08 15.35 -8.79
C LEU A 200 -13.82 14.27 -7.75
N GLN A 201 -13.19 13.19 -8.17
CA GLN A 201 -12.78 12.13 -7.25
C GLN A 201 -11.71 12.66 -6.30
N ASP A 202 -10.91 13.59 -6.80
CA ASP A 202 -9.89 14.24 -6.00
C ASP A 202 -10.50 15.31 -5.11
N TRP A 203 -11.52 15.99 -5.64
CA TRP A 203 -12.18 17.08 -4.94
C TRP A 203 -12.92 16.62 -3.68
N VAL A 204 -13.50 15.43 -3.73
CA VAL A 204 -14.26 14.90 -2.61
C VAL A 204 -13.34 14.23 -1.58
N THR A 205 -12.06 14.11 -1.90
CA THR A 205 -11.10 13.44 -1.04
C THR A 205 -10.56 14.37 0.04
N ALA A 206 -10.63 13.93 1.30
CA ALA A 206 -10.17 14.75 2.42
C ALA A 206 -9.67 13.91 3.60
N THR A 207 -8.55 14.33 4.17
CA THR A 207 -8.01 13.69 5.36
C THR A 207 -8.50 14.38 6.62
N ASP A 208 -8.37 15.71 6.65
CA ASP A 208 -8.83 16.50 7.79
C ASP A 208 -9.75 17.63 7.31
N ILE A 209 -10.67 18.03 8.18
CA ILE A 209 -11.63 19.09 7.86
C ILE A 209 -11.58 20.20 8.90
N ARG A 210 -11.42 21.44 8.45
CA ARG A 210 -11.39 22.59 9.35
C ARG A 210 -12.51 23.58 9.06
N VAL A 211 -13.30 23.90 10.09
CA VAL A 211 -14.36 24.90 9.97
C VAL A 211 -13.92 26.21 10.62
N ALA A 212 -13.88 27.27 9.82
CA ALA A 212 -13.41 28.57 10.30
C ALA A 212 -14.54 29.59 10.39
N PHE A 213 -14.97 29.90 11.61
CA PHE A 213 -15.98 30.92 11.84
C PHE A 213 -15.34 32.31 11.88
N SER A 214 -15.67 33.14 10.89
CA SER A 214 -15.08 34.46 10.80
C SER A 214 -15.92 35.52 11.51
N ARG A 215 -16.73 36.25 10.75
CA ARG A 215 -17.50 37.36 11.29
C ARG A 215 -18.79 36.88 11.95
N LEU A 216 -19.27 37.64 12.93
CA LEU A 216 -20.52 37.33 13.62
C LEU A 216 -21.64 38.26 13.16
N HIS A 217 -22.85 38.02 13.65
CA HIS A 217 -24.00 38.84 13.28
C HIS A 217 -24.40 39.81 14.37
N THR A 218 -25.10 40.87 13.99
CA THR A 218 -25.61 41.86 14.94
C THR A 218 -26.97 42.38 14.50
N PHE A 219 -27.69 43.00 15.44
CA PHE A 219 -29.06 43.44 15.18
C PHE A 219 -29.13 44.88 14.68
N GLY A 220 -28.71 45.09 13.43
CA GLY A 220 -28.77 46.41 12.82
C GLY A 220 -27.97 47.45 13.57
N ASP A 221 -26.68 47.17 13.76
CA ASP A 221 -25.76 48.07 14.46
C ASP A 221 -26.23 48.38 15.88
N GLU A 222 -26.37 47.32 16.68
CA GLU A 222 -26.70 47.48 18.10
C GLU A 222 -25.80 46.61 18.95
N ASN A 223 -24.50 46.68 18.69
CA ASN A 223 -23.51 45.87 19.39
C ASN A 223 -22.24 46.65 19.71
N GLU A 224 -22.07 47.79 19.04
CA GLU A 224 -20.89 48.63 19.24
C GLU A 224 -20.91 49.26 20.64
N ASP A 225 -22.07 49.21 21.28
CA ASP A 225 -22.18 49.61 22.69
C ASP A 225 -21.69 48.46 23.56
N ASP A 226 -20.40 48.46 23.86
CA ASP A 226 -19.78 47.37 24.59
C ASP A 226 -20.37 47.19 25.99
N SER A 227 -21.58 46.65 26.04
CA SER A 227 -22.25 46.39 27.31
C SER A 227 -21.87 45.01 27.84
N GLU A 228 -21.93 44.85 29.16
CA GLU A 228 -21.67 43.56 29.77
C GLU A 228 -22.87 42.64 29.63
N LEU A 229 -23.90 43.13 28.94
CA LEU A 229 -25.11 42.37 28.70
C LEU A 229 -25.33 42.15 27.20
N ALA A 230 -24.84 43.09 26.39
CA ALA A 230 -25.04 43.05 24.94
C ALA A 230 -24.06 42.09 24.26
N ARG A 231 -22.77 42.33 24.44
CA ARG A 231 -21.75 41.52 23.78
C ARG A 231 -21.71 40.10 24.32
N ASP A 232 -22.29 39.89 25.49
CA ASP A 232 -22.38 38.55 26.08
C ASP A 232 -23.55 37.76 25.50
N SER A 233 -24.02 38.19 24.33
CA SER A 233 -25.11 37.51 23.63
C SER A 233 -24.65 37.05 22.26
N TYR A 234 -23.59 37.67 21.76
CA TYR A 234 -23.03 37.33 20.45
C TYR A 234 -21.92 36.29 20.59
N PHE A 235 -22.19 35.08 20.13
CA PHE A 235 -21.21 34.00 20.20
C PHE A 235 -21.54 32.89 19.21
N TYR A 236 -20.56 32.03 18.93
CA TYR A 236 -20.76 30.90 18.04
C TYR A 236 -21.20 29.66 18.81
N ALA A 237 -22.13 28.90 18.26
CA ALA A 237 -22.61 27.69 18.90
C ALA A 237 -23.18 26.69 17.90
N VAL A 238 -22.69 25.46 17.95
CA VAL A 238 -23.19 24.41 17.08
C VAL A 238 -23.64 23.19 17.90
N SER A 239 -24.80 22.64 17.53
CA SER A 239 -25.37 21.51 18.26
C SER A 239 -24.80 20.18 17.77
N ASP A 240 -24.58 20.08 16.46
CA ASP A 240 -24.08 18.85 15.87
C ASP A 240 -23.30 19.12 14.59
N LEU A 241 -22.12 18.51 14.49
CA LEU A 241 -21.30 18.60 13.29
C LEU A 241 -21.15 17.23 12.64
N GLN A 242 -21.53 17.13 11.37
CA GLN A 242 -21.42 15.87 10.64
C GLN A 242 -20.56 16.02 9.40
N VAL A 243 -19.92 14.91 9.00
CA VAL A 243 -19.20 14.85 7.74
C VAL A 243 -19.55 13.55 7.02
N GLY A 244 -20.49 13.64 6.08
CA GLY A 244 -20.95 12.47 5.35
C GLY A 244 -19.96 12.04 4.27
N GLY A 245 -19.72 10.73 4.21
CA GLY A 245 -18.81 10.18 3.21
C GLY A 245 -18.56 8.71 3.40
N ARG A 246 -17.38 8.27 2.97
CA ARG A 246 -16.97 6.88 3.10
C ARG A 246 -15.46 6.78 2.91
N CYS A 247 -14.86 5.73 3.48
CA CYS A 247 -13.43 5.49 3.29
C CYS A 247 -13.09 5.43 1.81
N LYS A 248 -12.03 6.13 1.41
CA LYS A 248 -11.58 6.09 0.03
C LYS A 248 -10.83 4.79 -0.24
N CYS A 249 -11.40 3.94 -1.08
CA CYS A 249 -10.79 2.65 -1.37
C CYS A 249 -10.77 2.34 -2.86
N ASN A 250 -11.13 3.34 -3.67
CA ASN A 250 -11.16 3.22 -5.13
C ASN A 250 -12.02 2.05 -5.62
N GLY A 251 -13.02 1.68 -4.81
CA GLY A 251 -13.90 0.58 -5.16
C GLY A 251 -13.21 -0.77 -5.19
N HIS A 252 -12.20 -0.93 -4.35
CA HIS A 252 -11.48 -2.20 -4.26
C HIS A 252 -11.56 -2.79 -2.86
N ALA A 253 -12.39 -2.20 -2.00
CA ALA A 253 -12.54 -2.66 -0.63
C ALA A 253 -13.94 -2.39 -0.10
N ALA A 254 -14.56 -3.41 0.47
CA ALA A 254 -15.94 -3.30 0.96
C ALA A 254 -16.01 -2.70 2.35
N ARG A 255 -14.86 -2.58 3.02
CA ARG A 255 -14.82 -2.05 4.37
C ARG A 255 -13.39 -1.65 4.76
N CYS A 256 -13.27 -0.75 5.73
CA CYS A 256 -11.97 -0.37 6.26
C CYS A 256 -11.91 -0.61 7.76
N VAL A 257 -10.78 -1.13 8.23
CA VAL A 257 -10.59 -1.43 9.64
C VAL A 257 -9.21 -0.97 10.10
N ARG A 258 -8.93 -1.11 11.40
CA ARG A 258 -7.66 -0.67 11.94
C ARG A 258 -6.70 -1.84 12.16
N ASP A 259 -5.48 -1.69 11.64
CA ASP A 259 -4.50 -2.77 11.68
C ASP A 259 -3.72 -2.80 12.99
N ARG A 260 -2.50 -3.32 12.94
CA ARG A 260 -1.66 -3.47 14.13
C ARG A 260 -1.18 -2.12 14.65
N ASP A 261 -1.05 -1.14 13.76
CA ASP A 261 -0.59 0.19 14.14
C ASP A 261 -1.76 1.09 14.52
N ASP A 262 -2.93 0.49 14.72
CA ASP A 262 -4.14 1.19 15.14
C ASP A 262 -4.56 2.27 14.14
N SER A 263 -4.06 2.18 12.92
CA SER A 263 -4.38 3.14 11.87
C SER A 263 -5.44 2.58 10.93
N LEU A 264 -6.49 3.37 10.69
CA LEU A 264 -7.58 2.96 9.82
C LEU A 264 -7.10 2.77 8.39
N VAL A 265 -7.27 1.55 7.86
CA VAL A 265 -6.81 1.21 6.52
C VAL A 265 -7.83 0.31 5.81
N CYS A 266 -8.06 0.58 4.53
CA CYS A 266 -9.00 -0.22 3.73
C CYS A 266 -8.60 -1.69 3.67
N ASP A 267 -9.55 -2.57 3.94
CA ASP A 267 -9.34 -4.00 3.74
C ASP A 267 -9.37 -4.30 2.26
N CYS A 268 -8.23 -4.06 1.60
CA CYS A 268 -8.15 -4.13 0.15
C CYS A 268 -8.49 -5.50 -0.43
N ARG A 269 -9.17 -5.49 -1.56
CA ARG A 269 -9.49 -6.70 -2.31
C ARG A 269 -9.01 -6.52 -3.75
N HIS A 270 -9.42 -7.43 -4.63
CA HIS A 270 -9.08 -7.36 -6.04
C HIS A 270 -7.57 -7.31 -6.28
N ASN A 271 -6.83 -8.01 -5.44
CA ASN A 271 -5.36 -8.06 -5.53
C ASN A 271 -4.72 -6.67 -5.47
N THR A 272 -5.29 -5.78 -4.68
CA THR A 272 -4.76 -4.42 -4.58
C THR A 272 -4.00 -4.21 -3.28
N ALA A 273 -3.36 -3.05 -3.16
CA ALA A 273 -2.50 -2.77 -2.01
C ALA A 273 -2.47 -1.28 -1.69
N GLY A 274 -1.91 -0.95 -0.52
CA GLY A 274 -1.79 0.43 -0.10
C GLY A 274 -2.94 0.87 0.79
N PRO A 275 -2.85 2.10 1.33
CA PRO A 275 -3.85 2.65 2.25
C PRO A 275 -5.22 2.86 1.62
N GLU A 276 -5.25 3.25 0.34
CA GLU A 276 -6.52 3.48 -0.35
C GLU A 276 -6.69 2.53 -1.53
N CYS A 277 -6.06 1.36 -1.43
CA CYS A 277 -6.07 0.36 -2.51
C CYS A 277 -5.62 0.99 -3.82
N ASP A 278 -4.58 1.82 -3.73
CA ASP A 278 -4.09 2.62 -4.83
C ASP A 278 -2.98 1.93 -5.59
N ARG A 279 -2.68 0.69 -5.21
CA ARG A 279 -1.58 -0.06 -5.80
C ARG A 279 -1.96 -1.51 -6.10
N CYS A 280 -1.11 -2.17 -6.89
CA CYS A 280 -1.24 -3.60 -7.11
C CYS A 280 -0.39 -4.37 -6.11
N LYS A 281 -1.02 -5.30 -5.40
CA LYS A 281 -0.28 -6.14 -4.46
C LYS A 281 0.76 -6.92 -5.25
N PRO A 282 1.90 -7.27 -4.61
CA PRO A 282 3.05 -7.90 -5.26
C PRO A 282 2.70 -8.98 -6.28
N PHE A 283 3.50 -9.06 -7.34
CA PHE A 283 3.38 -10.09 -8.36
C PHE A 283 2.05 -10.02 -9.12
N HIS A 284 1.42 -8.86 -9.08
CA HIS A 284 0.20 -8.63 -9.84
C HIS A 284 0.34 -7.36 -10.68
N TYR A 285 1.46 -7.26 -11.37
CA TYR A 285 1.80 -6.10 -12.16
C TYR A 285 1.62 -6.33 -13.65
N ASP A 286 0.70 -7.22 -14.00
CA ASP A 286 0.50 -7.58 -15.40
C ASP A 286 -0.10 -6.43 -16.20
N ARG A 287 -1.17 -5.83 -15.68
CA ARG A 287 -1.74 -4.65 -16.31
C ARG A 287 -1.92 -3.54 -15.26
N PRO A 288 -1.73 -2.28 -15.69
CA PRO A 288 -1.68 -1.10 -14.80
C PRO A 288 -2.81 -1.04 -13.80
N TRP A 289 -2.51 -0.64 -12.57
CA TRP A 289 -3.55 -0.41 -11.59
C TRP A 289 -4.47 0.70 -12.06
N GLN A 290 -5.76 0.55 -11.79
CA GLN A 290 -6.71 1.63 -12.01
C GLN A 290 -7.92 1.49 -11.11
N ARG A 291 -8.54 2.61 -10.82
CA ARG A 291 -9.72 2.67 -9.96
C ARG A 291 -10.86 1.84 -10.54
N ALA A 292 -11.63 1.20 -9.67
CA ALA A 292 -12.76 0.40 -10.09
C ALA A 292 -13.97 1.26 -10.41
N THR A 293 -14.58 1.02 -11.56
CA THR A 293 -15.82 1.71 -11.93
C THR A 293 -16.99 0.75 -11.78
N ALA A 294 -18.21 1.27 -11.92
CA ALA A 294 -19.41 0.44 -11.85
C ALA A 294 -19.42 -0.57 -12.98
N ARG A 295 -18.86 -0.18 -14.12
N ARG A 295 -18.84 -0.19 -14.11
CA ARG A 295 -18.81 -1.03 -15.30
CA ARG A 295 -18.82 -1.04 -15.30
C ARG A 295 -17.79 -2.15 -15.11
C ARG A 295 -17.78 -2.16 -15.16
N GLU A 296 -16.53 -1.78 -14.96
CA GLU A 296 -15.44 -2.75 -14.81
C GLU A 296 -14.82 -2.68 -13.42
N ALA A 297 -14.46 -3.85 -12.89
CA ALA A 297 -13.87 -3.94 -11.55
C ALA A 297 -12.39 -3.56 -11.57
N ASN A 298 -11.75 -3.77 -12.73
CA ASN A 298 -10.34 -3.42 -12.92
C ASN A 298 -9.42 -4.00 -11.86
N GLU A 299 -9.61 -5.28 -11.57
CA GLU A 299 -8.77 -5.97 -10.60
C GLU A 299 -7.36 -6.15 -11.12
N CYS A 300 -6.37 -6.06 -10.25
CA CYS A 300 -4.99 -6.34 -10.61
C CYS A 300 -4.83 -7.83 -10.89
N VAL A 301 -4.22 -8.16 -12.02
CA VAL A 301 -4.02 -9.56 -12.39
C VAL A 301 -2.57 -9.99 -12.19
N ALA A 302 -2.40 -11.22 -11.71
CA ALA A 302 -1.09 -11.75 -11.36
C ALA A 302 -0.20 -11.94 -12.58
N CYS A 303 1.09 -11.72 -12.40
CA CYS A 303 2.06 -11.93 -13.47
C CYS A 303 2.15 -13.41 -13.84
N ASN A 304 2.23 -13.69 -15.13
CA ASN A 304 2.40 -15.05 -15.61
C ASN A 304 3.88 -15.40 -15.70
N CYS A 305 4.34 -16.25 -14.79
CA CYS A 305 5.75 -16.63 -14.75
C CYS A 305 5.93 -18.13 -14.84
N ASN A 306 4.83 -18.84 -15.10
CA ASN A 306 4.83 -20.30 -15.20
C ASN A 306 5.52 -20.97 -14.02
N LEU A 307 5.22 -20.51 -12.82
CA LEU A 307 5.75 -21.07 -11.58
C LEU A 307 7.28 -21.05 -11.54
N HIS A 308 7.88 -20.04 -12.17
CA HIS A 308 9.33 -19.95 -12.24
C HIS A 308 9.86 -18.61 -11.75
N ALA A 309 9.00 -17.82 -11.11
CA ALA A 309 9.39 -16.53 -10.56
C ALA A 309 8.43 -16.06 -9.48
N ARG A 310 8.97 -15.41 -8.46
CA ARG A 310 8.16 -14.87 -7.38
C ARG A 310 8.00 -13.36 -7.51
N ARG A 311 8.95 -12.73 -8.20
CA ARG A 311 8.93 -11.28 -8.39
C ARG A 311 8.78 -10.91 -9.85
N CYS A 312 8.03 -9.83 -10.10
CA CYS A 312 7.85 -9.31 -11.44
C CYS A 312 7.67 -7.80 -11.38
N ARG A 313 7.78 -7.14 -12.53
CA ARG A 313 7.48 -5.72 -12.61
C ARG A 313 6.93 -5.36 -13.99
N PHE A 314 6.07 -4.35 -14.02
CA PHE A 314 5.35 -3.98 -15.23
C PHE A 314 6.23 -3.23 -16.23
N ASN A 315 6.04 -3.54 -17.51
CA ASN A 315 6.72 -2.85 -18.59
C ASN A 315 5.73 -2.33 -19.63
N MET A 316 5.71 -1.02 -19.83
CA MET A 316 4.73 -0.39 -20.70
C MET A 316 4.93 -0.74 -22.17
N GLU A 317 6.19 -0.88 -22.59
CA GLU A 317 6.49 -1.26 -23.96
C GLU A 317 5.92 -2.63 -24.30
N LEU A 318 6.28 -3.63 -23.50
CA LEU A 318 5.79 -4.99 -23.66
C LEU A 318 4.26 -5.03 -23.60
N TYR A 319 3.69 -4.18 -22.75
CA TYR A 319 2.25 -4.10 -22.60
C TYR A 319 1.57 -3.65 -23.90
N LYS A 320 2.12 -2.61 -24.51
CA LYS A 320 1.59 -2.11 -25.78
C LYS A 320 1.79 -3.12 -26.92
N LEU A 321 2.96 -3.77 -26.91
CA LEU A 321 3.26 -4.80 -27.91
C LEU A 321 2.31 -5.98 -27.78
N SER A 322 1.85 -6.23 -26.56
CA SER A 322 0.92 -7.33 -26.31
C SER A 322 -0.53 -6.88 -26.53
N GLY A 323 -0.69 -5.70 -27.13
CA GLY A 323 -2.01 -5.16 -27.38
C GLY A 323 -2.76 -4.86 -26.10
N ARG A 324 -2.04 -4.35 -25.10
CA ARG A 324 -2.59 -4.07 -23.78
C ARG A 324 -3.29 -5.28 -23.17
N LYS A 325 -2.52 -6.33 -22.91
CA LYS A 325 -3.06 -7.54 -22.27
C LYS A 325 -2.17 -7.99 -21.11
N SER A 326 -0.88 -8.15 -21.39
CA SER A 326 0.07 -8.58 -20.37
C SER A 326 1.41 -7.86 -20.53
N GLY A 327 1.75 -7.02 -19.55
CA GLY A 327 2.99 -6.28 -19.59
C GLY A 327 3.85 -6.52 -18.38
N GLY A 328 3.61 -7.63 -17.69
CA GLY A 328 4.34 -7.96 -16.48
C GLY A 328 5.55 -8.85 -16.72
N VAL A 329 6.73 -8.25 -16.67
CA VAL A 329 7.99 -8.97 -16.89
C VAL A 329 8.44 -9.71 -15.64
N CYS A 330 8.71 -11.00 -15.79
CA CYS A 330 9.19 -11.82 -14.68
C CYS A 330 10.66 -11.54 -14.38
N LEU A 331 11.00 -11.47 -13.09
CA LEU A 331 12.36 -11.16 -12.68
C LEU A 331 13.06 -12.37 -12.09
N ASN A 332 14.32 -12.57 -12.50
CA ASN A 332 15.15 -13.66 -11.99
C ASN A 332 14.50 -15.02 -12.22
N CYS A 333 14.32 -15.37 -13.48
CA CYS A 333 13.67 -16.63 -13.86
C CYS A 333 14.50 -17.84 -13.45
N ARG A 334 14.09 -18.49 -12.37
CA ARG A 334 14.76 -19.69 -11.89
C ARG A 334 14.37 -20.91 -12.74
N HIS A 335 14.72 -22.09 -12.25
CA HIS A 335 14.42 -23.36 -12.92
C HIS A 335 15.01 -23.44 -14.33
N ASN A 336 16.07 -22.68 -14.56
CA ASN A 336 16.80 -22.69 -15.83
C ASN A 336 15.90 -22.42 -17.04
N THR A 337 15.08 -21.38 -16.93
CA THR A 337 14.24 -20.96 -18.04
C THR A 337 14.58 -19.52 -18.44
N ALA A 338 14.05 -19.09 -19.59
CA ALA A 338 14.25 -17.73 -20.05
C ALA A 338 12.94 -17.16 -20.57
N GLY A 339 12.94 -15.87 -20.87
CA GLY A 339 11.75 -15.21 -21.40
C GLY A 339 11.06 -14.30 -20.40
N ARG A 340 10.21 -13.42 -20.92
CA ARG A 340 9.52 -12.44 -20.08
C ARG A 340 8.39 -13.05 -19.28
N HIS A 341 8.13 -14.34 -19.50
CA HIS A 341 7.11 -15.06 -18.73
C HIS A 341 7.62 -16.42 -18.27
N CYS A 342 8.92 -16.66 -18.46
CA CYS A 342 9.56 -17.94 -18.15
C CYS A 342 8.87 -19.09 -18.89
N HIS A 343 8.66 -18.90 -20.18
CA HIS A 343 7.88 -19.84 -20.97
C HIS A 343 8.74 -20.76 -21.85
N TYR A 344 10.06 -20.67 -21.71
CA TYR A 344 10.96 -21.55 -22.44
C TYR A 344 12.32 -21.65 -21.77
N CYS A 345 13.09 -22.67 -22.17
CA CYS A 345 14.37 -22.94 -21.56
C CYS A 345 15.47 -22.01 -22.07
N LYS A 346 16.37 -21.61 -21.18
CA LYS A 346 17.46 -20.72 -21.53
C LYS A 346 18.48 -21.42 -22.43
N GLU A 347 19.53 -20.70 -22.80
CA GLU A 347 20.61 -21.28 -23.58
C GLU A 347 21.31 -22.37 -22.78
N GLY A 348 21.66 -23.46 -23.46
CA GLY A 348 22.33 -24.57 -22.81
C GLY A 348 21.37 -25.54 -22.16
N TYR A 349 20.07 -25.36 -22.41
CA TYR A 349 19.04 -26.22 -21.83
C TYR A 349 17.95 -26.53 -22.84
N TYR A 350 17.51 -27.79 -22.86
CA TYR A 350 16.44 -28.20 -23.76
C TYR A 350 15.21 -28.63 -22.97
N ARG A 351 14.04 -28.46 -23.57
CA ARG A 351 12.79 -28.67 -22.86
C ARG A 351 12.35 -30.12 -22.84
N ASP A 352 12.28 -30.69 -21.64
CA ASP A 352 11.72 -32.03 -21.46
C ASP A 352 10.22 -31.99 -21.75
N MET A 353 9.83 -32.60 -22.86
CA MET A 353 8.44 -32.55 -23.31
C MET A 353 7.52 -33.46 -22.49
N GLY A 354 8.11 -34.25 -21.60
CA GLY A 354 7.34 -35.11 -20.73
C GLY A 354 6.67 -34.35 -19.62
N LYS A 355 7.20 -33.16 -19.33
CA LYS A 355 6.64 -32.30 -18.29
C LYS A 355 6.08 -31.02 -18.89
N PRO A 356 5.01 -30.48 -18.28
CA PRO A 356 4.48 -29.17 -18.70
C PRO A 356 5.46 -28.06 -18.37
N ILE A 357 5.28 -26.89 -18.99
CA ILE A 357 6.23 -25.78 -18.84
C ILE A 357 6.28 -25.27 -17.39
N THR A 358 5.21 -25.48 -16.64
CA THR A 358 5.13 -25.03 -15.26
C THR A 358 5.89 -25.93 -14.30
N HIS A 359 6.21 -27.14 -14.76
CA HIS A 359 6.89 -28.12 -13.92
C HIS A 359 8.27 -27.63 -13.51
N ARG A 360 8.71 -28.03 -12.32
CA ARG A 360 9.99 -27.58 -11.77
C ARG A 360 11.17 -27.97 -12.66
N LYS A 361 11.17 -29.20 -13.13
CA LYS A 361 12.22 -29.68 -14.02
C LYS A 361 11.73 -29.74 -15.47
N ALA A 362 11.03 -28.70 -15.89
CA ALA A 362 10.52 -28.61 -17.26
C ALA A 362 11.66 -28.43 -18.26
N CYS A 363 12.80 -27.99 -17.76
CA CYS A 363 13.98 -27.80 -18.60
C CYS A 363 15.10 -28.75 -18.19
N LYS A 364 15.74 -29.36 -19.17
CA LYS A 364 16.82 -30.31 -18.92
C LYS A 364 18.11 -29.82 -19.54
N ALA A 365 19.24 -30.18 -18.93
CA ALA A 365 20.54 -29.70 -19.38
C ALA A 365 21.03 -30.40 -20.64
N CYS A 366 21.61 -29.64 -21.55
CA CYS A 366 22.17 -30.19 -22.79
C CYS A 366 23.37 -31.08 -22.51
N ASP A 367 24.24 -30.60 -21.63
CA ASP A 367 25.50 -31.27 -21.31
C ASP A 367 26.33 -31.53 -22.56
N CYS A 368 26.37 -30.54 -23.44
CA CYS A 368 27.19 -30.62 -24.65
C CYS A 368 28.65 -30.77 -24.26
N HIS A 369 29.32 -31.75 -24.84
CA HIS A 369 30.70 -32.04 -24.46
C HIS A 369 31.62 -30.89 -24.87
N PRO A 370 32.46 -30.43 -23.93
CA PRO A 370 33.38 -29.30 -24.09
C PRO A 370 34.21 -29.37 -25.36
N VAL A 371 34.67 -30.56 -25.72
CA VAL A 371 35.54 -30.72 -26.88
C VAL A 371 34.81 -31.35 -28.07
N GLY A 372 33.76 -32.12 -27.80
CA GLY A 372 33.03 -32.80 -28.85
C GLY A 372 32.04 -31.92 -29.57
N ALA A 373 31.31 -31.11 -28.81
CA ALA A 373 30.29 -30.23 -29.38
C ALA A 373 30.88 -28.89 -29.80
N ALA A 374 30.20 -28.22 -30.73
CA ALA A 374 30.67 -26.94 -31.23
C ALA A 374 30.11 -25.78 -30.41
N GLY A 375 29.03 -26.05 -29.67
CA GLY A 375 28.38 -25.03 -28.88
C GLY A 375 27.59 -25.57 -27.71
N LYS A 376 27.16 -24.66 -26.83
CA LYS A 376 26.40 -25.03 -25.64
C LYS A 376 24.92 -25.25 -25.94
N THR A 377 24.36 -24.38 -26.78
CA THR A 377 22.94 -24.45 -27.12
C THR A 377 22.63 -25.66 -28.00
N CYS A 378 21.67 -26.48 -27.58
CA CYS A 378 21.29 -27.65 -28.35
C CYS A 378 19.87 -27.52 -28.90
N ASN A 379 19.42 -28.56 -29.61
CA ASN A 379 18.06 -28.60 -30.12
C ASN A 379 17.05 -28.59 -28.96
N GLN A 380 15.94 -27.88 -29.15
CA GLN A 380 14.98 -27.71 -28.08
C GLN A 380 13.96 -28.85 -28.04
N THR A 381 13.83 -29.57 -29.16
CA THR A 381 12.90 -30.69 -29.24
C THR A 381 13.58 -31.99 -28.81
N THR A 382 14.64 -32.36 -29.53
CA THR A 382 15.36 -33.59 -29.23
C THR A 382 16.40 -33.38 -28.13
N GLY A 383 17.33 -32.46 -28.37
CA GLY A 383 18.39 -32.16 -27.42
C GLY A 383 19.77 -32.40 -28.00
N GLN A 384 19.82 -32.71 -29.29
CA GLN A 384 21.08 -33.00 -29.97
C GLN A 384 21.97 -31.77 -30.06
N CYS A 385 23.11 -31.82 -29.38
CA CYS A 385 24.09 -30.73 -29.38
C CYS A 385 24.74 -30.60 -30.75
N PRO A 386 25.22 -29.38 -31.08
CA PRO A 386 25.93 -29.16 -32.35
C PRO A 386 27.27 -29.89 -32.37
N CYS A 387 27.33 -31.03 -33.06
CA CYS A 387 28.53 -31.84 -33.09
C CYS A 387 29.51 -31.38 -34.16
N LYS A 388 30.78 -31.33 -33.80
CA LYS A 388 31.83 -30.98 -34.75
C LYS A 388 32.00 -32.09 -35.79
N ASP A 389 32.89 -31.85 -36.75
CA ASP A 389 33.16 -32.85 -37.79
C ASP A 389 33.83 -34.10 -37.21
N GLY A 390 33.25 -35.26 -37.49
CA GLY A 390 33.78 -36.52 -37.01
C GLY A 390 33.28 -36.86 -35.62
N VAL A 391 32.36 -36.06 -35.10
CA VAL A 391 31.81 -36.27 -33.76
C VAL A 391 30.33 -36.60 -33.85
N THR A 392 29.91 -37.63 -33.10
CA THR A 392 28.51 -38.02 -33.05
C THR A 392 28.07 -38.20 -31.60
N GLY A 393 26.80 -38.54 -31.41
CA GLY A 393 26.23 -38.70 -30.09
C GLY A 393 25.34 -37.53 -29.74
N ILE A 394 24.37 -37.76 -28.86
CA ILE A 394 23.44 -36.71 -28.44
C ILE A 394 24.17 -35.51 -27.85
N THR A 395 25.15 -35.79 -27.01
CA THR A 395 25.93 -34.74 -26.36
C THR A 395 27.31 -34.59 -26.99
N CYS A 396 27.48 -35.24 -28.15
CA CYS A 396 28.73 -35.19 -28.90
C CYS A 396 29.92 -35.64 -28.06
N ASN A 397 29.85 -36.85 -27.52
CA ASN A 397 30.90 -37.35 -26.63
C ASN A 397 31.61 -38.58 -27.18
N ARG A 398 31.40 -38.89 -28.45
CA ARG A 398 32.08 -40.02 -29.08
C ARG A 398 32.35 -39.75 -30.55
N CYS A 399 33.20 -40.58 -31.15
CA CYS A 399 33.59 -40.41 -32.54
C CYS A 399 32.69 -41.21 -33.47
N ALA A 400 32.52 -40.71 -34.69
CA ALA A 400 31.72 -41.41 -35.68
C ALA A 400 32.45 -42.64 -36.18
N LYS A 401 31.73 -43.51 -36.89
CA LYS A 401 32.33 -44.72 -37.46
C LYS A 401 33.47 -44.38 -38.39
N GLY A 402 34.67 -44.87 -38.06
CA GLY A 402 35.84 -44.63 -38.88
C GLY A 402 36.68 -43.46 -38.41
N TYR A 403 36.43 -43.00 -37.18
CA TYR A 403 37.21 -41.91 -36.61
C TYR A 403 37.75 -42.29 -35.23
N GLN A 404 38.60 -41.42 -34.69
CA GLN A 404 39.37 -41.75 -33.49
C GLN A 404 39.88 -40.46 -32.84
N GLN A 405 39.57 -40.25 -31.56
CA GLN A 405 39.85 -38.96 -30.93
C GLN A 405 41.34 -38.64 -30.85
N SER A 406 41.66 -37.39 -31.16
CA SER A 406 43.04 -36.91 -31.23
C SER A 406 43.46 -36.21 -29.95
N ARG A 407 44.72 -35.78 -29.91
CA ARG A 407 45.25 -35.06 -28.75
C ARG A 407 45.05 -33.56 -28.92
N SER A 408 44.34 -33.18 -29.98
CA SER A 408 44.02 -31.77 -30.21
C SER A 408 42.59 -31.47 -29.73
N PRO A 409 42.45 -30.53 -28.79
CA PRO A 409 41.16 -30.14 -28.22
C PRO A 409 40.24 -29.45 -29.22
N ILE A 410 40.80 -28.80 -30.23
CA ILE A 410 40.00 -28.13 -31.25
C ILE A 410 39.95 -29.00 -32.51
N ALA A 411 40.57 -30.17 -32.42
CA ALA A 411 40.46 -31.17 -33.48
C ALA A 411 40.28 -32.55 -32.87
N PRO A 412 39.13 -32.81 -32.24
CA PRO A 412 38.86 -34.12 -31.65
C PRO A 412 38.46 -35.11 -32.73
N CYS A 413 38.48 -36.40 -32.44
CA CYS A 413 37.98 -37.45 -33.35
C CYS A 413 38.44 -37.38 -34.82
N ILE A 414 38.68 -36.17 -35.32
CA ILE A 414 39.03 -35.92 -36.73
C ILE A 414 40.04 -36.90 -37.32
N LYS A 415 40.90 -37.48 -36.47
CA LYS A 415 41.84 -38.49 -36.92
C LYS A 415 41.11 -39.71 -37.48
N GLU A 416 41.15 -39.85 -38.80
CA GLU A 416 40.50 -40.97 -39.48
C GLU A 416 41.22 -42.27 -39.18
N LEU A 417 40.45 -43.32 -38.91
CA LEU A 417 41.02 -44.64 -38.64
C LEU A 417 41.80 -45.15 -39.85
N HIS A 418 43.11 -44.97 -39.83
CA HIS A 418 43.97 -45.43 -40.91
C HIS A 418 44.31 -46.90 -40.73
N HIS A 419 44.57 -47.58 -41.85
CA HIS A 419 44.89 -49.00 -41.81
C HIS A 419 46.29 -49.26 -41.25
N HIS A 420 46.39 -49.21 -39.92
CA HIS A 420 47.65 -49.41 -39.19
C HIS A 420 48.84 -48.69 -39.83
N MET B 1 24.65 21.68 -12.53
CA MET B 1 23.23 21.63 -12.19
C MET B 1 23.02 20.92 -10.85
N LEU B 2 22.24 21.54 -9.98
CA LEU B 2 22.00 20.99 -8.65
C LEU B 2 21.12 19.75 -8.72
N PRO B 3 21.63 18.62 -8.20
CA PRO B 3 20.88 17.36 -8.14
C PRO B 3 19.72 17.46 -7.16
N PRO B 4 18.63 16.71 -7.40
CA PRO B 4 17.46 16.75 -6.52
C PRO B 4 17.81 16.45 -5.08
N VAL B 5 17.01 16.97 -4.14
CA VAL B 5 17.33 16.85 -2.73
C VAL B 5 16.05 16.53 -1.94
N GLY B 6 16.22 16.04 -0.71
CA GLY B 6 15.08 15.65 0.10
C GLY B 6 14.55 14.30 -0.34
N VAL B 7 15.47 13.39 -0.64
CA VAL B 7 15.09 12.06 -1.10
C VAL B 7 14.64 11.18 0.05
N GLN B 8 13.40 10.68 -0.05
CA GLN B 8 12.86 9.79 0.95
C GLN B 8 12.69 8.39 0.38
N ALA B 9 12.74 7.40 1.25
CA ALA B 9 12.54 6.02 0.82
C ALA B 9 11.60 5.30 1.78
N VAL B 10 10.39 5.01 1.31
CA VAL B 10 9.36 4.42 2.15
C VAL B 10 9.01 3.00 1.70
N ALA B 11 9.17 2.04 2.61
CA ALA B 11 8.77 0.66 2.35
C ALA B 11 7.26 0.56 2.29
N LEU B 12 6.75 -0.04 1.22
CA LEU B 12 5.31 -0.19 1.01
C LEU B 12 4.86 -1.62 1.24
N THR B 13 5.40 -2.53 0.44
CA THR B 13 5.12 -3.95 0.55
C THR B 13 6.43 -4.72 0.61
N HIS B 14 6.37 -6.05 0.52
CA HIS B 14 7.58 -6.85 0.56
C HIS B 14 8.30 -6.84 -0.79
N ASP B 15 7.92 -5.91 -1.67
CA ASP B 15 8.53 -5.80 -2.98
C ASP B 15 8.52 -4.37 -3.52
N ALA B 16 7.84 -3.48 -2.80
CA ALA B 16 7.65 -2.12 -3.31
C ALA B 16 8.20 -1.05 -2.36
N VAL B 17 8.88 -0.07 -2.93
CA VAL B 17 9.39 1.07 -2.19
C VAL B 17 9.04 2.37 -2.90
N ARG B 18 8.52 3.34 -2.15
CA ARG B 18 8.20 4.65 -2.70
C ARG B 18 9.33 5.64 -2.42
N VAL B 19 9.96 6.14 -3.48
CA VAL B 19 10.94 7.20 -3.32
C VAL B 19 10.34 8.54 -3.73
N SER B 20 10.66 9.57 -2.96
CA SER B 20 10.14 10.91 -3.20
C SER B 20 11.23 11.94 -2.98
N TRP B 21 11.23 12.99 -3.81
CA TRP B 21 12.24 14.03 -3.70
C TRP B 21 11.66 15.40 -4.00
N ALA B 22 12.54 16.40 -4.07
CA ALA B 22 12.13 17.76 -4.38
C ALA B 22 13.19 18.44 -5.23
N ASP B 23 12.76 19.35 -6.10
CA ASP B 23 13.68 20.06 -6.97
C ASP B 23 13.53 21.57 -6.78
N ASN B 24 14.57 22.20 -6.24
CA ASN B 24 14.53 23.63 -5.96
C ASN B 24 14.84 24.48 -7.18
N SER B 25 15.17 23.82 -8.29
CA SER B 25 15.39 24.51 -9.55
C SER B 25 14.07 24.74 -10.28
N VAL B 26 13.26 25.66 -9.77
CA VAL B 26 11.95 25.93 -10.33
C VAL B 26 11.87 27.29 -11.02
N PRO B 27 11.82 27.28 -12.36
CA PRO B 27 11.72 28.49 -13.18
C PRO B 27 10.29 28.81 -13.60
N LYS B 28 10.13 29.75 -14.52
CA LYS B 28 8.81 30.03 -15.09
C LYS B 28 8.42 28.92 -16.06
N ASN B 29 7.44 28.14 -15.65
CA ASN B 29 7.02 26.93 -16.35
C ASN B 29 5.59 27.11 -16.90
N GLN B 30 5.06 26.19 -17.73
CA GLN B 30 5.62 24.87 -18.06
C GLN B 30 5.91 24.71 -19.54
N LYS B 31 7.19 24.64 -19.89
CA LYS B 31 7.60 24.51 -21.29
C LYS B 31 9.06 24.09 -21.43
N THR B 32 9.39 23.25 -22.41
CA THR B 32 8.44 22.46 -23.21
C THR B 32 9.18 21.23 -23.72
N SER B 33 10.29 21.47 -24.41
CA SER B 33 11.18 20.41 -24.87
C SER B 33 12.25 20.17 -23.81
N GLU B 34 12.20 20.97 -22.76
CA GLU B 34 13.14 20.85 -21.66
C GLU B 34 12.43 20.68 -20.32
N VAL B 35 11.48 19.75 -20.28
CA VAL B 35 10.83 19.40 -19.02
C VAL B 35 11.80 18.59 -18.17
N ARG B 36 11.88 18.94 -16.88
CA ARG B 36 12.83 18.30 -15.99
C ARG B 36 12.50 16.82 -15.78
N LEU B 37 13.31 15.96 -16.38
CA LEU B 37 13.11 14.52 -16.32
C LEU B 37 14.03 13.87 -15.30
N TYR B 38 13.43 13.22 -14.30
CA TYR B 38 14.20 12.58 -13.24
C TYR B 38 14.48 11.11 -13.55
N THR B 39 15.56 10.59 -12.97
CA THR B 39 15.91 9.19 -13.12
C THR B 39 16.18 8.57 -11.75
N VAL B 40 15.44 7.51 -11.44
CA VAL B 40 15.55 6.87 -10.13
C VAL B 40 16.39 5.61 -10.18
N ARG B 41 17.58 5.69 -9.59
CA ARG B 41 18.50 4.57 -9.54
C ARG B 41 18.27 3.77 -8.25
N TRP B 42 18.50 2.46 -8.30
CA TRP B 42 18.43 1.65 -7.08
C TRP B 42 19.18 0.32 -7.21
N ARG B 43 19.72 -0.13 -6.07
CA ARG B 43 20.44 -1.40 -6.00
C ARG B 43 20.36 -1.94 -4.57
N THR B 44 20.85 -3.16 -4.38
CA THR B 44 20.87 -3.77 -3.05
C THR B 44 21.85 -3.02 -2.15
N SER B 45 21.35 -2.54 -1.02
CA SER B 45 22.14 -1.70 -0.11
C SER B 45 23.32 -2.46 0.48
N PHE B 46 24.52 -1.92 0.27
CA PHE B 46 25.75 -2.46 0.85
C PHE B 46 25.92 -3.93 0.48
N SER B 47 26.30 -4.20 -0.76
CA SER B 47 26.38 -5.56 -1.28
C SER B 47 27.67 -5.83 -2.05
N ALA B 48 27.69 -6.93 -2.80
CA ALA B 48 28.91 -7.41 -3.46
C ALA B 48 28.96 -7.03 -4.94
N SER B 49 27.80 -7.01 -5.59
CA SER B 49 27.73 -6.73 -7.03
C SER B 49 26.84 -5.50 -7.30
N ALA B 50 25.55 -5.76 -7.55
CA ALA B 50 24.52 -4.72 -7.61
C ALA B 50 24.71 -3.67 -8.71
N LYS B 51 24.50 -4.07 -9.96
CA LYS B 51 24.67 -3.18 -11.11
C LYS B 51 23.53 -2.16 -11.27
N TYR B 52 22.89 -1.77 -10.17
CA TYR B 52 21.81 -0.77 -10.20
C TYR B 52 20.63 -1.17 -11.10
N LYS B 53 19.60 -0.33 -11.10
CA LYS B 53 18.42 -0.57 -11.93
C LYS B 53 17.57 0.70 -12.03
N SER B 54 17.93 1.58 -12.96
CA SER B 54 17.29 2.88 -13.06
C SER B 54 15.91 2.82 -13.73
N GLU B 55 15.24 3.97 -13.73
CA GLU B 55 13.97 4.15 -14.43
C GLU B 55 13.63 5.64 -14.49
N ASP B 56 13.08 6.08 -15.61
CA ASP B 56 12.76 7.49 -15.79
C ASP B 56 11.36 7.84 -15.32
N THR B 57 11.19 9.10 -14.93
CA THR B 57 9.88 9.64 -14.55
C THR B 57 9.95 11.17 -14.47
N THR B 58 8.83 11.83 -14.78
CA THR B 58 8.77 13.28 -14.76
C THR B 58 8.13 13.79 -13.46
N SER B 59 7.55 12.88 -12.69
CA SER B 59 6.95 13.23 -11.42
C SER B 59 8.02 13.28 -10.33
N LEU B 60 7.63 13.71 -9.14
CA LEU B 60 8.57 13.85 -8.03
C LEU B 60 8.55 12.63 -7.12
N SER B 61 8.05 11.51 -7.64
CA SER B 61 8.03 10.27 -6.87
C SER B 61 7.96 9.06 -7.79
N TYR B 62 8.80 8.07 -7.50
CA TYR B 62 8.76 6.80 -8.23
C TYR B 62 8.57 5.65 -7.23
N THR B 63 7.98 4.55 -7.69
CA THR B 63 7.80 3.40 -6.84
C THR B 63 8.50 2.18 -7.43
N ALA B 64 9.60 1.77 -6.80
CA ALA B 64 10.32 0.57 -7.21
C ALA B 64 9.48 -0.66 -6.89
N THR B 65 9.39 -1.58 -7.83
CA THR B 65 8.58 -2.79 -7.64
C THR B 65 9.40 -4.04 -7.94
N GLY B 66 8.91 -5.18 -7.45
CA GLY B 66 9.57 -6.45 -7.70
C GLY B 66 10.84 -6.64 -6.90
N LEU B 67 10.97 -5.88 -5.83
CA LEU B 67 12.13 -5.99 -4.95
C LEU B 67 12.05 -7.26 -4.10
N LYS B 68 13.19 -7.68 -3.56
CA LYS B 68 13.23 -8.87 -2.73
C LYS B 68 12.75 -8.55 -1.31
N PRO B 69 11.91 -9.43 -0.75
CA PRO B 69 11.39 -9.26 0.61
C PRO B 69 12.51 -9.21 1.64
N ASN B 70 12.34 -8.38 2.67
CA ASN B 70 13.34 -8.23 3.74
C ASN B 70 14.71 -7.90 3.18
N THR B 71 14.81 -6.78 2.47
CA THR B 71 16.06 -6.39 1.84
C THR B 71 16.22 -4.87 1.82
N MET B 72 17.39 -4.40 2.26
CA MET B 72 17.70 -2.98 2.25
C MET B 72 18.17 -2.55 0.86
N TYR B 73 17.74 -1.38 0.42
CA TYR B 73 18.06 -0.89 -0.92
C TYR B 73 18.56 0.55 -0.93
N GLU B 74 19.54 0.81 -1.79
CA GLU B 74 20.06 2.17 -1.99
C GLU B 74 19.27 2.90 -3.07
N PHE B 75 18.88 4.14 -2.80
CA PHE B 75 18.11 4.92 -3.77
C PHE B 75 18.70 6.31 -4.01
N SER B 76 19.17 6.56 -5.23
CA SER B 76 19.65 7.89 -5.61
C SER B 76 18.85 8.42 -6.80
N VAL B 77 18.87 9.74 -7.00
CA VAL B 77 18.10 10.38 -8.06
C VAL B 77 18.91 11.44 -8.81
N MET B 78 18.71 11.55 -10.11
CA MET B 78 19.31 12.61 -10.91
C MET B 78 18.24 13.37 -11.70
N VAL B 79 18.58 14.56 -12.18
CA VAL B 79 17.65 15.34 -12.98
C VAL B 79 18.30 15.76 -14.29
N THR B 80 17.54 15.66 -15.38
CA THR B 80 18.06 15.99 -16.71
C THR B 80 17.20 17.03 -17.42
N LYS B 81 17.74 18.24 -17.55
CA LYS B 81 17.13 19.28 -18.37
C LYS B 81 17.93 19.41 -19.66
N ASN B 82 17.48 18.70 -20.69
CA ASN B 82 18.23 18.56 -21.95
C ASN B 82 18.72 19.89 -22.54
N ARG B 83 20.00 19.91 -22.91
CA ARG B 83 20.87 18.76 -22.78
C ARG B 83 21.85 18.93 -21.61
N ARG B 84 21.31 19.04 -20.41
CA ARG B 84 22.13 19.24 -19.22
C ARG B 84 21.64 18.38 -18.05
N SER B 85 22.42 17.36 -17.72
CA SER B 85 22.08 16.47 -16.60
C SER B 85 22.69 16.97 -15.31
N SER B 86 22.42 16.26 -14.22
CA SER B 86 23.01 16.57 -12.93
C SER B 86 23.67 15.32 -12.35
N THR B 87 24.48 15.50 -11.31
CA THR B 87 25.04 14.35 -10.60
C THR B 87 23.93 13.66 -9.82
N TRP B 88 24.24 12.52 -9.23
CA TRP B 88 23.25 11.78 -8.46
C TRP B 88 23.00 12.44 -7.11
N SER B 89 21.78 12.29 -6.60
CA SER B 89 21.42 12.85 -5.31
C SER B 89 22.05 12.05 -4.17
N MET B 90 21.85 12.51 -2.95
CA MET B 90 22.23 11.73 -1.78
C MET B 90 21.35 10.50 -1.71
N THR B 91 21.95 9.35 -1.43
CA THR B 91 21.23 8.09 -1.40
C THR B 91 20.34 7.95 -0.18
N ALA B 92 19.10 7.52 -0.41
CA ALA B 92 18.20 7.19 0.68
C ALA B 92 18.08 5.67 0.75
N HIS B 93 17.77 5.16 1.95
CA HIS B 93 17.70 3.73 2.15
C HIS B 93 16.34 3.28 2.64
N ALA B 94 15.98 2.04 2.31
CA ALA B 94 14.72 1.45 2.73
C ALA B 94 14.81 -0.07 2.70
N THR B 95 14.16 -0.71 3.65
CA THR B 95 14.13 -2.17 3.69
C THR B 95 12.71 -2.68 3.49
N THR B 96 12.52 -3.45 2.42
CA THR B 96 11.22 -4.01 2.10
C THR B 96 10.68 -4.86 3.25
N TYR B 97 9.35 -4.95 3.33
CA TYR B 97 8.71 -5.73 4.38
C TYR B 97 9.06 -7.21 4.23
N GLU B 98 8.86 -7.97 5.31
CA GLU B 98 9.12 -9.40 5.29
C GLU B 98 7.97 -10.13 4.59
N ALA B 99 8.16 -11.42 4.37
CA ALA B 99 7.13 -12.27 3.80
C ALA B 99 7.34 -13.70 4.27
N ALA B 100 6.28 -14.51 4.21
CA ALA B 100 6.38 -15.92 4.58
C ALA B 100 7.46 -16.59 3.74
N PRO B 101 8.26 -17.47 4.36
CA PRO B 101 9.35 -18.15 3.66
C PRO B 101 8.85 -18.92 2.44
N THR B 102 9.72 -19.10 1.45
CA THR B 102 9.35 -19.80 0.23
C THR B 102 10.25 -21.01 0.02
N SER B 103 10.92 -21.44 1.08
CA SER B 103 11.76 -22.62 1.04
C SER B 103 11.79 -23.30 2.41
N ALA B 104 12.34 -24.50 2.45
CA ALA B 104 12.45 -25.26 3.69
C ALA B 104 13.90 -25.23 4.19
N PRO B 105 14.09 -25.45 5.51
CA PRO B 105 15.45 -25.53 6.06
C PRO B 105 16.27 -26.64 5.39
N LYS B 106 17.58 -26.42 5.28
CA LYS B 106 18.47 -27.39 4.64
C LYS B 106 19.41 -28.01 5.67
N ASP B 107 20.14 -29.03 5.25
CA ASP B 107 21.07 -29.77 6.11
C ASP B 107 20.34 -30.40 7.30
N LEU B 108 19.16 -30.94 7.03
CA LEU B 108 18.39 -31.63 8.07
C LEU B 108 19.05 -32.97 8.41
N THR B 109 19.70 -33.03 9.56
CA THR B 109 20.39 -34.24 9.96
C THR B 109 19.84 -34.80 11.28
N VAL B 110 19.83 -36.12 11.39
CA VAL B 110 19.39 -36.77 12.62
C VAL B 110 20.51 -37.63 13.20
N ILE B 111 21.02 -37.21 14.35
CA ILE B 111 22.12 -37.92 15.00
C ILE B 111 21.66 -38.58 16.29
N THR B 112 22.10 -39.82 16.52
CA THR B 112 21.72 -40.56 17.72
C THR B 112 22.38 -39.97 18.96
N ARG B 113 21.62 -39.90 20.05
CA ARG B 113 22.13 -39.38 21.32
C ARG B 113 23.22 -40.30 21.88
N GLU B 114 24.22 -39.71 22.51
CA GLU B 114 25.33 -40.48 23.07
C GLU B 114 25.45 -40.30 24.59
N GLY B 115 25.45 -41.40 25.32
CA GLY B 115 25.28 -42.72 24.75
C GLY B 115 23.88 -43.25 25.01
N LYS B 116 22.93 -42.34 25.14
CA LYS B 116 21.55 -42.70 25.42
C LYS B 116 20.81 -43.12 24.15
N PRO B 117 20.21 -44.31 24.17
CA PRO B 117 19.29 -44.69 23.10
C PRO B 117 17.95 -43.97 23.26
N ARG B 118 16.96 -44.35 22.46
CA ARG B 118 15.62 -43.74 22.51
C ARG B 118 15.61 -42.24 22.20
N ALA B 119 16.79 -41.65 22.05
CA ALA B 119 16.90 -40.20 21.88
C ALA B 119 17.80 -39.84 20.71
N VAL B 120 17.48 -38.73 20.05
CA VAL B 120 18.25 -38.24 18.92
C VAL B 120 18.50 -36.74 19.06
N ILE B 121 19.47 -36.23 18.31
CA ILE B 121 19.70 -34.79 18.25
C ILE B 121 19.54 -34.29 16.82
N VAL B 122 18.37 -33.77 16.51
CA VAL B 122 18.12 -33.20 15.19
C VAL B 122 18.87 -31.88 15.04
N SER B 123 19.53 -31.69 13.91
CA SER B 123 20.18 -30.43 13.59
C SER B 123 19.82 -30.02 12.17
N TRP B 124 19.83 -28.72 11.91
CA TRP B 124 19.49 -28.21 10.59
C TRP B 124 20.09 -26.82 10.38
N GLN B 125 19.79 -26.25 9.22
CA GLN B 125 20.28 -24.92 8.87
C GLN B 125 19.14 -24.08 8.30
N PRO B 126 19.08 -22.79 8.67
CA PRO B 126 18.03 -21.87 8.23
C PRO B 126 17.86 -21.85 6.71
N PRO B 127 16.62 -21.68 6.23
CA PRO B 127 16.32 -21.71 4.79
C PRO B 127 16.92 -20.51 4.07
N LEU B 128 17.32 -20.71 2.82
CA LEU B 128 17.90 -19.63 2.03
C LEU B 128 16.88 -18.53 1.77
N GLU B 129 15.68 -18.92 1.37
CA GLU B 129 14.61 -17.98 1.10
C GLU B 129 13.74 -17.75 2.33
N ALA B 130 14.34 -17.22 3.39
CA ALA B 130 13.62 -16.99 4.63
C ALA B 130 12.62 -15.84 4.50
N ASN B 131 13.02 -14.79 3.79
CA ASN B 131 12.18 -13.62 3.56
C ASN B 131 11.73 -12.94 4.85
N GLY B 132 12.58 -13.02 5.88
CA GLY B 132 12.26 -12.44 7.17
C GLY B 132 13.03 -13.10 8.29
N LYS B 133 12.74 -12.68 9.52
CA LYS B 133 13.41 -13.26 10.69
C LYS B 133 12.65 -14.49 11.18
N ILE B 134 13.33 -15.63 11.18
CA ILE B 134 12.72 -16.88 11.62
C ILE B 134 12.36 -16.81 13.10
N THR B 135 11.09 -17.06 13.40
CA THR B 135 10.61 -16.96 14.77
C THR B 135 10.37 -18.33 15.39
N ALA B 136 10.16 -19.33 14.55
CA ALA B 136 9.89 -20.69 15.03
C ALA B 136 10.26 -21.75 13.99
N TYR B 137 10.66 -22.92 14.47
CA TYR B 137 10.95 -24.07 13.61
C TYR B 137 10.00 -25.21 13.92
N ILE B 138 8.97 -25.38 13.11
CA ILE B 138 8.02 -26.46 13.32
C ILE B 138 8.60 -27.78 12.79
N LEU B 139 8.71 -28.76 13.69
CA LEU B 139 9.29 -30.05 13.34
C LEU B 139 8.25 -31.16 13.39
N PHE B 140 8.37 -32.12 12.49
CA PHE B 140 7.48 -33.28 12.46
C PHE B 140 8.26 -34.58 12.43
N TYR B 141 7.71 -35.61 13.07
CA TYR B 141 8.30 -36.94 13.03
C TYR B 141 7.26 -38.00 13.39
N THR B 142 7.40 -39.18 12.81
CA THR B 142 6.48 -40.28 13.05
C THR B 142 7.07 -41.61 12.59
N LEU B 143 6.32 -42.69 12.77
CA LEU B 143 6.82 -44.02 12.42
C LEU B 143 6.00 -44.69 11.31
N ASP B 144 5.30 -43.87 10.53
CA ASP B 144 4.53 -44.37 9.39
C ASP B 144 4.24 -43.25 8.40
N LYS B 145 4.70 -43.43 7.15
CA LYS B 145 4.58 -42.41 6.13
C LYS B 145 3.20 -42.45 5.45
N ASN B 146 2.46 -43.52 5.69
CA ASN B 146 1.15 -43.69 5.08
C ASN B 146 0.10 -42.72 5.63
N ILE B 147 0.29 -42.30 6.88
CA ILE B 147 -0.65 -41.38 7.53
C ILE B 147 -0.50 -39.97 6.94
N PRO B 148 -1.56 -39.14 7.05
CA PRO B 148 -1.54 -37.76 6.54
C PRO B 148 -0.35 -36.93 7.04
N ILE B 149 -0.16 -35.77 6.43
CA ILE B 149 0.99 -34.92 6.72
C ILE B 149 0.87 -34.19 8.06
N ASP B 150 -0.36 -33.84 8.42
CA ASP B 150 -0.60 -33.04 9.63
C ASP B 150 -0.52 -33.85 10.91
N ASP B 151 -1.06 -35.06 10.91
CA ASP B 151 -1.15 -35.85 12.14
C ASP B 151 0.13 -36.63 12.43
N TRP B 152 1.26 -35.93 12.38
CA TRP B 152 2.51 -36.47 12.91
C TRP B 152 2.67 -35.95 14.33
N ILE B 153 3.90 -35.91 14.81
CA ILE B 153 4.18 -35.29 16.10
C ILE B 153 4.80 -33.92 15.88
N MET B 154 3.99 -32.88 16.06
CA MET B 154 4.41 -31.51 15.83
C MET B 154 5.08 -30.91 17.07
N GLU B 155 6.29 -30.39 16.89
CA GLU B 155 6.99 -29.74 17.98
C GLU B 155 7.55 -28.40 17.52
N THR B 156 7.30 -27.35 18.31
CA THR B 156 7.69 -26.00 17.96
C THR B 156 9.02 -25.61 18.57
N ILE B 157 10.05 -25.53 17.73
CA ILE B 157 11.40 -25.17 18.17
C ILE B 157 11.52 -23.65 18.25
N SER B 158 12.33 -23.17 19.20
CA SER B 158 12.46 -21.76 19.53
C SER B 158 12.57 -20.79 18.35
N GLY B 159 13.21 -21.23 17.26
CA GLY B 159 13.37 -20.38 16.10
C GLY B 159 14.76 -19.78 16.00
N ASP B 160 15.38 -19.53 17.15
CA ASP B 160 16.76 -19.08 17.19
C ASP B 160 17.69 -20.26 17.45
N ARG B 161 17.09 -21.44 17.53
CA ARG B 161 17.85 -22.67 17.75
C ARG B 161 17.80 -23.57 16.52
N LEU B 162 18.92 -24.21 16.22
CA LEU B 162 19.03 -25.07 15.06
C LEU B 162 19.21 -26.53 15.47
N THR B 163 19.04 -26.80 16.76
CA THR B 163 19.17 -28.16 17.29
C THR B 163 18.03 -28.48 18.24
N HIS B 164 17.45 -29.66 18.09
CA HIS B 164 16.35 -30.10 18.95
C HIS B 164 16.50 -31.56 19.34
N GLN B 165 16.25 -31.87 20.60
CA GLN B 165 16.34 -33.23 21.09
C GLN B 165 14.97 -33.89 21.14
N ILE B 166 14.83 -35.02 20.44
CA ILE B 166 13.62 -35.82 20.50
C ILE B 166 13.91 -37.09 21.29
N MET B 167 13.03 -37.44 22.22
CA MET B 167 13.29 -38.55 23.13
C MET B 167 12.20 -39.61 23.11
N ASP B 168 12.47 -40.72 23.79
CA ASP B 168 11.54 -41.85 23.90
C ASP B 168 11.16 -42.41 22.53
N LEU B 169 12.17 -42.63 21.69
CA LEU B 169 11.97 -43.23 20.38
C LEU B 169 12.20 -44.73 20.43
N ASN B 170 11.21 -45.50 20.01
CA ASN B 170 11.30 -46.96 20.02
C ASN B 170 12.53 -47.49 19.29
N LEU B 171 13.12 -48.55 19.85
CA LEU B 171 14.32 -49.15 19.27
C LEU B 171 13.95 -50.01 18.07
N ASP B 172 14.91 -50.18 17.16
CA ASP B 172 14.72 -50.99 15.95
C ASP B 172 13.50 -50.51 15.16
N THR B 173 13.36 -49.19 15.06
CA THR B 173 12.19 -48.62 14.40
C THR B 173 12.57 -47.50 13.45
N MET B 174 11.97 -47.51 12.26
CA MET B 174 12.20 -46.47 11.26
C MET B 174 11.34 -45.25 11.53
N TYR B 175 11.99 -44.10 11.68
CA TYR B 175 11.28 -42.84 11.89
C TYR B 175 11.45 -41.90 10.70
N TYR B 176 10.46 -41.04 10.50
CA TYR B 176 10.50 -40.05 9.42
C TYR B 176 10.67 -38.66 10.03
N PHE B 177 11.18 -37.72 9.23
CA PHE B 177 11.45 -36.38 9.73
C PHE B 177 11.18 -35.30 8.69
N ARG B 178 10.35 -34.33 9.06
CA ARG B 178 10.08 -33.17 8.22
C ARG B 178 10.12 -31.89 9.05
N ILE B 179 10.56 -30.80 8.44
CA ILE B 179 10.70 -29.54 9.17
C ILE B 179 10.46 -28.33 8.26
N GLN B 180 9.72 -27.35 8.77
CA GLN B 180 9.49 -26.11 8.06
C GLN B 180 9.91 -24.92 8.92
N ALA B 181 10.06 -23.77 8.29
CA ALA B 181 10.46 -22.56 9.01
C ALA B 181 9.31 -21.56 9.08
N ARG B 182 9.27 -20.80 10.17
CA ARG B 182 8.19 -19.84 10.39
C ARG B 182 8.76 -18.45 10.71
N ASN B 183 8.05 -17.40 10.29
CA ASN B 183 8.45 -16.05 10.63
C ASN B 183 7.27 -15.18 11.03
N SER B 184 7.45 -13.86 10.96
CA SER B 184 6.40 -12.91 11.33
C SER B 184 5.21 -12.95 10.37
N LYS B 185 5.48 -13.19 9.09
CA LYS B 185 4.46 -13.08 8.06
C LYS B 185 3.93 -14.43 7.57
N GLY B 186 4.12 -15.47 8.38
CA GLY B 186 3.62 -16.78 8.02
C GLY B 186 4.65 -17.89 8.13
N VAL B 187 4.33 -19.04 7.56
CA VAL B 187 5.20 -20.21 7.65
C VAL B 187 5.54 -20.74 6.26
N GLY B 188 6.78 -21.21 6.09
CA GLY B 188 7.23 -21.71 4.80
C GLY B 188 6.76 -23.12 4.51
N PRO B 189 7.28 -23.73 3.44
CA PRO B 189 6.95 -25.10 3.05
C PRO B 189 7.79 -26.13 3.80
N LEU B 190 7.27 -27.34 3.94
CA LEU B 190 7.99 -28.42 4.59
C LEU B 190 9.14 -28.92 3.71
N SER B 191 10.12 -29.55 4.34
CA SER B 191 11.22 -30.17 3.61
C SER B 191 10.81 -31.55 3.12
N ASP B 192 11.67 -32.16 2.30
CA ASP B 192 11.44 -33.54 1.88
C ASP B 192 11.79 -34.48 3.02
N PRO B 193 11.01 -35.55 3.19
CA PRO B 193 11.19 -36.51 4.28
C PRO B 193 12.62 -37.03 4.39
N ILE B 194 13.09 -37.23 5.61
CA ILE B 194 14.42 -37.80 5.82
C ILE B 194 14.33 -38.95 6.81
N LEU B 195 14.57 -40.16 6.31
CA LEU B 195 14.40 -41.37 7.11
C LEU B 195 15.57 -41.62 8.04
N PHE B 196 15.26 -42.05 9.25
CA PHE B 196 16.27 -42.44 10.23
C PHE B 196 15.77 -43.65 11.01
N ARG B 197 16.60 -44.67 11.11
CA ARG B 197 16.22 -45.88 11.81
C ARG B 197 17.02 -46.06 13.10
N THR B 198 16.32 -46.18 14.22
CA THR B 198 16.97 -46.37 15.51
C THR B 198 17.71 -47.71 15.56
N LEU B 199 18.65 -47.83 16.48
CA LEU B 199 19.46 -49.03 16.61
C LEU B 199 18.67 -50.17 17.25
N LYS B 200 19.16 -51.39 17.07
CA LYS B 200 18.59 -52.54 17.76
C LYS B 200 19.18 -52.62 19.16
N LEU B 201 18.52 -53.38 20.03
CA LEU B 201 18.95 -53.48 21.42
C LEU B 201 20.29 -54.22 21.56
N GLU B 202 20.47 -55.27 20.78
CA GLU B 202 21.66 -56.11 20.88
C GLU B 202 22.87 -55.50 20.16
N VAL B 203 22.73 -54.28 19.68
CA VAL B 203 23.80 -53.60 18.95
C VAL B 203 24.49 -52.57 19.85
N LEU B 204 23.78 -52.15 20.90
CA LEU B 204 24.33 -51.20 21.86
C LEU B 204 25.42 -51.83 22.72
N PHE B 205 25.56 -53.15 22.59
CA PHE B 205 26.56 -53.88 23.36
C PHE B 205 27.57 -54.56 22.42
N ALA B 206 28.77 -53.99 22.34
CA ALA B 206 29.13 -52.79 23.09
C ALA B 206 29.80 -51.76 22.18
C1 NAG C . -17.14 26.44 38.63
C2 NAG C . -17.86 27.56 39.45
C3 NAG C . -17.66 27.30 40.96
C4 NAG C . -18.28 25.97 41.40
C5 NAG C . -17.85 24.84 40.45
C6 NAG C . -19.00 24.26 39.64
C7 NAG C . -18.02 30.02 39.16
C8 NAG C . -17.27 31.28 38.80
N2 NAG C . -17.32 28.88 39.13
O3 NAG C . -18.15 28.37 41.75
O4 NAG C . -17.88 25.66 42.72
O5 NAG C . -16.83 25.29 39.54
O6 NAG C . -19.46 23.06 40.23
O7 NAG C . -19.22 30.05 39.44
C1 NAG C . -18.05 24.28 43.19
C2 NAG C . -16.90 23.83 44.12
C3 NAG C . -17.35 23.86 45.58
C4 NAG C . -18.39 24.95 45.81
C5 NAG C . -19.65 24.63 45.02
C6 NAG C . -20.44 25.87 44.64
C7 NAG C . -15.61 22.26 42.74
C8 NAG C . -15.23 20.84 42.52
N2 NAG C . -16.44 22.50 43.76
O3 NAG C . -16.23 24.07 46.43
O4 NAG C . -18.71 25.02 47.19
O5 NAG C . -19.33 23.95 43.80
O6 NAG C . -21.67 25.52 44.02
O7 NAG C . -15.18 23.17 42.03
C1 NAG D . -33.44 18.22 29.08
C2 NAG D . -32.16 18.45 29.86
C3 NAG D . -31.35 17.15 29.91
C4 NAG D . -32.21 16.06 30.49
C5 NAG D . -33.47 15.91 29.67
C6 NAG D . -34.37 14.88 30.32
C7 NAG D . -30.12 19.72 29.57
C8 NAG D . -29.12 18.85 28.88
N2 NAG D . -31.39 19.50 29.24
O3 NAG D . -30.23 17.30 30.79
O4 NAG D . -31.46 14.85 30.49
O5 NAG D . -34.17 17.15 29.69
O6 NAG D . -34.84 15.39 31.56
O7 NAG D . -29.79 20.57 30.37
C1 NAG D . -31.11 14.43 31.83
C2 NAG D . -29.65 14.70 32.12
C3 NAG D . -29.26 14.15 33.49
C4 NAG D . -30.22 14.69 34.53
C5 NAG D . -31.62 14.27 34.15
C6 NAG D . -32.68 14.62 35.19
C7 NAG D . -28.95 12.86 30.66
C8 NAG D . -30.21 12.52 29.91
N2 NAG D . -28.83 14.12 31.07
O3 NAG D . -27.94 14.55 33.83
O4 NAG D . -29.92 14.17 35.83
O5 NAG D . -31.93 14.91 32.92
O6 NAG D . -32.15 15.36 36.30
O7 NAG D . -28.09 12.02 30.88
C1 NAG E . -7.89 32.76 11.79
C2 NAG E . -6.98 32.55 10.60
C3 NAG E . -5.73 31.79 11.04
C4 NAG E . -5.09 32.47 12.26
C5 NAG E . -6.15 32.61 13.35
C6 NAG E . -5.69 33.29 14.62
C7 NAG E . -7.68 32.21 8.26
C8 NAG E . -6.88 33.43 7.91
N2 NAG E . -7.68 31.83 9.55
O3 NAG E . -4.83 31.60 9.94
O4 NAG E . -3.98 31.72 12.74
O5 NAG E . -7.19 33.41 12.80
O6 NAG E . -4.64 34.22 14.47
O7 NAG E . -8.32 31.59 7.41
C1 NAG E . -2.80 32.42 12.32
C2 NAG E . -1.61 32.05 13.21
C3 NAG E . -0.37 32.81 12.76
C4 NAG E . -0.11 32.59 11.28
C5 NAG E . -1.35 32.94 10.47
C6 NAG E . -1.20 32.63 8.99
C7 NAG E . -1.50 31.53 15.60
C8 NAG E . -1.88 31.96 16.99
N2 NAG E . -1.90 32.32 14.60
O3 NAG E . 0.75 32.39 13.52
O4 NAG E . 0.97 33.42 10.85
O5 NAG E . -2.46 32.17 10.93
O6 NAG E . 0.13 32.24 8.68
O7 NAG E . -0.84 30.51 15.40
CA CA F . -24.62 17.33 20.03
CL CL G . 3.23 -4.64 -4.35
S SO4 H . -2.23 24.17 11.43
O1 SO4 H . -0.92 24.09 12.07
O2 SO4 H . -2.71 22.83 11.13
O3 SO4 H . -2.11 24.93 10.18
O4 SO4 H . -3.17 24.85 12.32
S SO4 I . -24.66 25.51 -6.32
O1 SO4 I . -26.05 25.20 -6.62
O2 SO4 I . -24.40 26.92 -6.65
O3 SO4 I . -23.79 24.66 -7.14
O4 SO4 I . -24.38 25.28 -4.91
S SO4 J . -31.63 29.52 4.65
O1 SO4 J . -32.99 29.51 4.13
O2 SO4 J . -30.94 28.30 4.24
O3 SO4 J . -31.67 29.58 6.12
O4 SO4 J . -30.92 30.69 4.14
S SO4 K . -9.44 -10.84 -3.81
O1 SO4 K . -9.62 -11.59 -2.58
O2 SO4 K . -10.69 -10.21 -4.19
O3 SO4 K . -9.00 -11.75 -4.87
O4 SO4 K . -8.42 -9.81 -3.61
S SO4 L . 14.40 -14.71 -6.36
O1 SO4 L . 15.22 -15.35 -5.33
O2 SO4 L . 15.03 -13.47 -6.78
O3 SO4 L . 13.07 -14.43 -5.80
O4 SO4 L . 14.26 -15.61 -7.49
S SO4 M . 23.67 -41.44 -28.41
O1 SO4 M . 24.51 -40.37 -27.89
O2 SO4 M . 24.47 -42.65 -28.59
O3 SO4 M . 23.09 -41.04 -29.68
O4 SO4 M . 22.60 -41.72 -27.45
S SO4 N . 36.70 -44.74 -30.73
O1 SO4 N . 38.10 -44.31 -30.74
O2 SO4 N . 36.64 -46.10 -30.20
O3 SO4 N . 36.18 -44.73 -32.08
O4 SO4 N . 35.92 -43.85 -29.89
S SO4 O . 16.25 -6.38 -8.29
O1 SO4 O . 16.40 -7.82 -8.10
O2 SO4 O . 14.84 -6.06 -8.47
O3 SO4 O . 17.00 -5.98 -9.49
O4 SO4 O . 16.79 -5.68 -7.13
S SO4 P . -6.11 27.93 7.47
O1 SO4 P . -7.32 28.16 8.24
O2 SO4 P . -5.37 29.18 7.34
O3 SO4 P . -6.47 27.43 6.14
O4 SO4 P . -5.27 26.95 8.15
S SO4 Q . 10.68 -12.90 -24.86
O1 SO4 Q . 12.08 -12.57 -25.09
O2 SO4 Q . 9.83 -11.82 -25.35
O3 SO4 Q . 10.44 -13.11 -23.44
O4 SO4 Q . 10.36 -14.13 -25.59
S SO4 R . 16.90 -8.90 -11.40
O1 SO4 R . 17.41 -9.43 -10.14
O2 SO4 R . 17.96 -8.15 -12.09
O3 SO4 R . 15.77 -8.00 -11.14
O4 SO4 R . 16.46 -10.01 -12.25
S SO4 S . 28.28 -44.17 -34.93
O1 SO4 S . 27.40 -45.08 -35.65
O2 SO4 S . 27.51 -43.39 -33.98
O3 SO4 S . 28.94 -43.28 -35.89
O4 SO4 S . 29.29 -44.94 -34.22
S SO4 T . 12.49 -24.16 -5.93
O1 SO4 T . 11.05 -24.44 -5.86
O2 SO4 T . 13.11 -25.10 -6.86
O3 SO4 T . 13.07 -24.33 -4.61
O4 SO4 T . 12.70 -22.79 -6.40
S SO4 U . -12.67 38.76 -6.39
O1 SO4 U . -13.98 38.38 -6.91
O2 SO4 U . -12.04 39.68 -7.33
O3 SO4 U . -11.84 37.56 -6.23
O4 SO4 U . -12.83 39.41 -5.09
S SO4 V . -27.29 27.39 -9.64
O1 SO4 V . -28.48 27.90 -8.96
O2 SO4 V . -27.06 28.12 -10.88
O3 SO4 V . -27.47 25.97 -9.93
O4 SO4 V . -26.13 27.55 -8.76
S SO4 W . -10.77 36.36 -9.76
O1 SO4 W . -11.32 35.17 -10.38
O2 SO4 W . -11.82 37.37 -9.64
O3 SO4 W . -9.69 36.89 -10.59
O4 SO4 W . -10.26 36.04 -8.44
S SO4 X . 2.42 4.02 -7.75
O1 SO4 X . 2.21 2.85 -6.90
O2 SO4 X . 2.65 5.19 -6.92
O3 SO4 X . 1.25 4.24 -8.58
O4 SO4 X . 3.59 3.78 -8.59
C1 GOL Y . 12.44 2.32 5.99
O1 GOL Y . 11.25 2.18 5.24
C2 GOL Y . 12.96 0.95 6.39
O2 GOL Y . 11.98 0.30 7.18
C3 GOL Y . 14.25 1.09 7.19
O3 GOL Y . 15.34 0.71 6.39
#